data_3N8D
#
_entry.id   3N8D
#
_cell.length_a   84.374
_cell.length_b   87.271
_cell.length_c   91.789
_cell.angle_alpha   90.00
_cell.angle_beta   90.00
_cell.angle_gamma   90.00
#
_symmetry.space_group_name_H-M   'P 21 21 21'
#
loop_
_entity.id
_entity.type
_entity.pdbx_description
1 polymer 'D-alanine--D-alanine ligase'
2 non-polymer 'PHOSPHOAMINOPHOSPHONIC ACID-ADENYLATE ESTER'
3 non-polymer 'SULFATE ION'
4 non-polymer 'CHLORIDE ION'
5 water water
#
_entity_poly.entity_id   1
_entity_poly.type   'polypeptide(L)'
_entity_poly.pdbx_seq_one_letter_code
;MTKENICIVFGGKSAEHEVSILTAQNVLNAIDKDKYHVDIIYITNDGDWRKQNNITAEIKSTDELHLENGEALEISQLLK
ESSSGQPYDAVFPLLHGPNGEDGTIQGLFEVLDVPYVGNGVLSAASSMDKLVMKQLFEHRGLPQLPYISFLRSEYEKYEH
NILKLVNDKLNYPVFVKPANLGSSVGISKCNNEAELKEGIKEAFQFDRKLVIEQGVNAREIEVAVLGNDYPEATWPGEVV
KDVAFYDYKSKYKDGKVQLKIPADLDEDVQLTLRNMALEAFKETDCSGLVRADFFVTEDNQIYINETNAMPGFTAFSMYP
KLWENMGLSYPELITKLIELAKERHQDKQKNKYKIDLEHHHHHH
;
_entity_poly.pdbx_strand_id   A,B
#
# COMPACT_ATOMS: atom_id res chain seq x y z
N THR A 2 -27.25 -15.19 -18.92
CA THR A 2 -26.64 -15.07 -20.29
C THR A 2 -25.67 -13.88 -20.38
N LYS A 3 -26.11 -12.72 -19.92
CA LYS A 3 -25.24 -11.53 -19.81
C LYS A 3 -24.33 -11.65 -18.58
N GLU A 4 -23.16 -11.04 -18.64
CA GLU A 4 -22.30 -10.91 -17.45
C GLU A 4 -22.72 -9.71 -16.58
N ASN A 5 -22.49 -9.83 -15.26
CA ASN A 5 -22.98 -8.88 -14.26
C ASN A 5 -21.88 -7.91 -13.85
N ILE A 6 -22.13 -6.61 -14.07
CA ILE A 6 -21.15 -5.58 -13.86
C ILE A 6 -21.71 -4.51 -12.94
N CYS A 7 -20.90 -4.04 -11.99
CA CYS A 7 -21.28 -2.92 -11.11
C CYS A 7 -20.32 -1.73 -11.31
N ILE A 8 -20.88 -0.54 -11.54
CA ILE A 8 -20.08 0.67 -11.61
C ILE A 8 -20.19 1.40 -10.26
N VAL A 9 -19.05 1.73 -9.66
CA VAL A 9 -19.02 2.46 -8.39
C VAL A 9 -18.38 3.84 -8.62
N PHE A 10 -19.08 4.90 -8.21
CA PHE A 10 -18.63 6.24 -8.51
C PHE A 10 -19.10 7.25 -7.44
N GLY A 11 -18.73 8.52 -7.64
CA GLY A 11 -18.90 9.54 -6.61
C GLY A 11 -17.65 9.71 -5.76
N GLY A 12 -17.83 9.62 -4.44
CA GLY A 12 -16.71 9.70 -3.48
C GLY A 12 -16.65 11.00 -2.70
N LYS A 13 -15.98 10.95 -1.54
CA LYS A 13 -15.77 12.13 -0.68
C LYS A 13 -14.69 13.08 -1.20
N SER A 14 -14.12 12.77 -2.37
CA SER A 14 -13.09 13.60 -3.01
C SER A 14 -13.68 14.84 -3.67
N ALA A 15 -12.79 15.76 -4.05
CA ALA A 15 -13.16 16.99 -4.75
C ALA A 15 -13.45 16.69 -6.23
N GLU A 16 -12.88 15.59 -6.73
CA GLU A 16 -13.08 15.14 -8.13
C GLU A 16 -14.40 14.37 -8.31
N HIS A 17 -15.31 14.54 -7.36
CA HIS A 17 -16.65 13.93 -7.36
C HIS A 17 -17.33 14.02 -8.72
N GLU A 18 -17.43 15.24 -9.22
CA GLU A 18 -18.15 15.52 -10.46
C GLU A 18 -17.45 14.90 -11.68
N VAL A 19 -16.12 14.80 -11.64
CA VAL A 19 -15.38 14.12 -12.72
C VAL A 19 -15.67 12.62 -12.68
N SER A 20 -15.72 12.06 -11.48
CA SER A 20 -16.13 10.67 -11.27
C SER A 20 -17.49 10.38 -11.89
N ILE A 21 -18.49 11.17 -11.50
CA ILE A 21 -19.86 11.00 -11.99
C ILE A 21 -19.88 11.05 -13.51
N LEU A 22 -19.10 11.96 -14.08
CA LEU A 22 -18.96 12.13 -15.53
C LEU A 22 -18.31 10.96 -16.21
N THR A 23 -17.26 10.43 -15.59
CA THR A 23 -16.62 9.20 -16.09
C THR A 23 -17.63 8.08 -16.11
N ALA A 24 -18.39 7.98 -15.03
CA ALA A 24 -19.44 6.98 -14.92
C ALA A 24 -20.44 7.19 -16.05
N GLN A 25 -20.82 8.44 -16.30
CA GLN A 25 -21.76 8.68 -17.39
C GLN A 25 -21.18 8.14 -18.69
N ASN A 26 -19.94 8.49 -19.03
CA ASN A 26 -19.31 7.98 -20.27
C ASN A 26 -19.23 6.46 -20.35
N VAL A 27 -18.88 5.81 -19.24
CA VAL A 27 -18.69 4.34 -19.24
C VAL A 27 -20.03 3.62 -19.36
N LEU A 28 -21.03 4.10 -18.63
CA LEU A 28 -22.39 3.54 -18.72
C LEU A 28 -22.89 3.63 -20.14
N ASN A 29 -22.81 4.82 -20.71
CA ASN A 29 -23.24 5.03 -22.10
C ASN A 29 -22.36 4.33 -23.14
N ALA A 30 -21.14 3.93 -22.76
CA ALA A 30 -20.27 3.18 -23.67
C ALA A 30 -20.44 1.68 -23.49
N ILE A 31 -21.05 1.26 -22.39
CA ILE A 31 -21.11 -0.17 -22.12
C ILE A 31 -22.13 -0.91 -22.97
N ASP A 32 -21.65 -2.05 -23.47
CA ASP A 32 -22.38 -2.98 -24.30
C ASP A 32 -23.52 -3.65 -23.50
N LYS A 33 -24.74 -3.11 -23.58
CA LYS A 33 -25.85 -3.59 -22.78
C LYS A 33 -26.39 -4.98 -23.17
N ASP A 34 -25.92 -5.52 -24.29
CA ASP A 34 -26.37 -6.83 -24.74
C ASP A 34 -25.47 -7.92 -24.20
N LYS A 35 -24.22 -7.57 -23.93
CA LYS A 35 -23.32 -8.48 -23.25
C LYS A 35 -23.47 -8.32 -21.72
N TYR A 36 -23.87 -7.13 -21.27
CA TYR A 36 -23.71 -6.76 -19.87
C TYR A 36 -24.99 -6.31 -19.20
N HIS A 37 -25.29 -6.95 -18.07
CA HIS A 37 -26.28 -6.47 -17.13
C HIS A 37 -25.61 -5.56 -16.10
N VAL A 38 -26.18 -4.36 -15.91
CA VAL A 38 -25.51 -3.29 -15.16
C VAL A 38 -26.28 -2.74 -13.95
N ASP A 39 -25.64 -2.78 -12.78
CA ASP A 39 -26.07 -2.01 -11.60
C ASP A 39 -25.07 -0.90 -11.32
N ILE A 40 -25.44 0.08 -10.50
CA ILE A 40 -24.52 1.16 -10.15
C ILE A 40 -24.66 1.56 -8.71
N ILE A 41 -23.53 1.94 -8.11
CA ILE A 41 -23.48 2.41 -6.73
C ILE A 41 -22.90 3.83 -6.67
N TYR A 42 -23.67 4.76 -6.15
CA TYR A 42 -23.23 6.13 -5.94
C TYR A 42 -22.85 6.32 -4.49
N ILE A 43 -21.61 6.77 -4.25
CA ILE A 43 -21.19 7.12 -2.92
C ILE A 43 -21.25 8.65 -2.81
N THR A 44 -22.06 9.15 -1.88
CA THR A 44 -22.27 10.61 -1.75
C THR A 44 -21.04 11.29 -1.17
N ASN A 45 -21.04 12.61 -1.23
CA ASN A 45 -19.93 13.40 -0.68
C ASN A 45 -19.79 13.17 0.82
N ASP A 46 -20.92 13.06 1.50
CA ASP A 46 -20.98 12.78 2.94
C ASP A 46 -20.54 11.34 3.21
N GLY A 47 -20.72 10.50 2.20
CA GLY A 47 -20.17 9.14 2.21
C GLY A 47 -21.19 8.04 2.37
N ASP A 48 -22.43 8.35 1.98
CA ASP A 48 -23.52 7.37 1.97
C ASP A 48 -23.54 6.58 0.65
N TRP A 49 -23.71 5.27 0.74
CA TRP A 49 -23.77 4.41 -0.44
C TRP A 49 -25.19 4.20 -0.93
N ARG A 50 -25.41 4.40 -2.23
CA ARG A 50 -26.76 4.25 -2.82
C ARG A 50 -26.68 3.45 -4.12
N LYS A 51 -27.72 2.65 -4.37
CA LYS A 51 -27.72 1.70 -5.46
C LYS A 51 -28.92 1.89 -6.36
N GLN A 52 -28.67 1.87 -7.66
CA GLN A 52 -29.72 1.73 -8.63
C GLN A 52 -29.40 0.48 -9.42
N ASN A 53 -30.41 -0.37 -9.60
CA ASN A 53 -30.28 -1.61 -10.33
C ASN A 53 -30.81 -1.47 -11.74
N ASN A 54 -30.28 -2.27 -12.66
CA ASN A 54 -30.90 -2.51 -13.97
C ASN A 54 -30.80 -1.27 -14.88
N ILE A 55 -29.58 -0.81 -15.12
CA ILE A 55 -29.37 0.32 -16.00
C ILE A 55 -29.47 -0.19 -17.44
N THR A 56 -30.46 0.30 -18.18
CA THR A 56 -30.73 -0.17 -19.56
C THR A 56 -30.87 0.93 -20.61
N ALA A 57 -30.76 2.20 -20.19
CA ALA A 57 -30.96 3.34 -21.10
C ALA A 57 -29.80 4.34 -20.98
N GLU A 58 -29.59 5.12 -22.05
CA GLU A 58 -28.59 6.18 -22.05
C GLU A 58 -28.79 7.10 -20.85
N ILE A 59 -27.69 7.48 -20.19
CA ILE A 59 -27.74 8.45 -19.12
C ILE A 59 -27.63 9.85 -19.73
N LYS A 60 -28.64 10.68 -19.48
CA LYS A 60 -28.76 12.00 -20.10
C LYS A 60 -28.08 13.11 -19.31
N SER A 61 -27.91 12.94 -18.00
CA SER A 61 -27.26 13.97 -17.20
C SER A 61 -26.44 13.43 -16.06
N THR A 62 -25.49 14.24 -15.62
CA THR A 62 -24.79 13.96 -14.38
C THR A 62 -25.79 14.01 -13.21
N ASP A 63 -26.71 14.97 -13.25
CA ASP A 63 -27.76 15.15 -12.24
C ASP A 63 -28.41 13.83 -11.88
N GLU A 64 -28.87 13.14 -12.93
CA GLU A 64 -29.46 11.81 -12.89
C GLU A 64 -28.73 10.81 -11.98
N LEU A 65 -27.40 10.85 -12.01
CA LEU A 65 -26.57 9.87 -11.27
C LEU A 65 -26.36 10.28 -9.81
N HIS A 66 -26.78 11.50 -9.44
CA HIS A 66 -26.86 11.89 -8.03
C HIS A 66 -28.03 11.17 -7.39
N LEU A 67 -27.83 9.90 -7.08
CA LEU A 67 -28.93 9.05 -6.59
C LEU A 67 -29.43 9.53 -5.22
N GLU A 68 -30.73 9.34 -4.97
CA GLU A 68 -31.41 9.88 -3.79
C GLU A 68 -31.62 8.87 -2.66
N LEU A 73 -29.18 0.86 3.37
CA LEU A 73 -28.76 -0.44 2.91
C LEU A 73 -27.25 -0.58 3.06
N GLU A 74 -26.82 -1.71 3.61
CA GLU A 74 -25.43 -1.89 4.03
C GLU A 74 -24.46 -2.19 2.88
N ILE A 75 -23.21 -1.78 3.07
CA ILE A 75 -22.22 -1.68 1.98
C ILE A 75 -21.82 -3.05 1.45
N SER A 76 -21.70 -4.03 2.34
CA SER A 76 -21.33 -5.40 1.93
C SER A 76 -22.44 -6.10 1.16
N GLN A 77 -23.67 -5.77 1.50
CA GLN A 77 -24.85 -6.29 0.81
C GLN A 77 -24.97 -5.68 -0.58
N LEU A 78 -24.56 -4.42 -0.70
CA LEU A 78 -24.60 -3.70 -1.95
C LEU A 78 -23.60 -4.23 -2.95
N LEU A 79 -22.43 -4.68 -2.47
CA LEU A 79 -21.39 -5.23 -3.33
C LEU A 79 -21.45 -6.75 -3.54
N LYS A 80 -22.01 -7.48 -2.58
CA LYS A 80 -21.88 -8.95 -2.65
C LYS A 80 -22.89 -9.61 -3.56
N GLU A 81 -24.02 -8.96 -3.81
CA GLU A 81 -25.03 -9.55 -4.68
C GLU A 81 -25.50 -8.57 -5.77
N SER A 82 -25.53 -9.10 -7.00
CA SER A 82 -26.06 -8.37 -8.12
C SER A 82 -27.56 -8.52 -8.18
N SER A 83 -28.19 -7.68 -8.99
CA SER A 83 -29.63 -7.74 -9.23
C SER A 83 -29.98 -8.95 -10.07
N SER A 84 -28.99 -9.53 -10.75
CA SER A 84 -29.20 -10.80 -11.43
C SER A 84 -29.24 -12.01 -10.45
N GLY A 85 -29.05 -11.78 -9.16
CA GLY A 85 -29.06 -12.86 -8.17
C GLY A 85 -27.84 -13.75 -8.25
N GLN A 86 -26.72 -13.15 -8.68
CA GLN A 86 -25.41 -13.79 -8.74
C GLN A 86 -24.38 -12.76 -8.23
N PRO A 87 -23.21 -13.22 -7.77
CA PRO A 87 -22.13 -12.24 -7.55
C PRO A 87 -21.75 -11.54 -8.84
N TYR A 88 -21.20 -10.34 -8.73
CA TYR A 88 -20.73 -9.63 -9.90
C TYR A 88 -19.57 -10.39 -10.52
N ASP A 89 -19.49 -10.28 -11.83
CA ASP A 89 -18.38 -10.78 -12.57
C ASP A 89 -17.30 -9.72 -12.56
N ALA A 90 -17.69 -8.44 -12.47
CA ALA A 90 -16.71 -7.35 -12.33
C ALA A 90 -17.31 -6.06 -11.75
N VAL A 91 -16.57 -5.46 -10.83
CA VAL A 91 -16.91 -4.18 -10.26
C VAL A 91 -15.86 -3.15 -10.70
N PHE A 92 -16.34 -2.01 -11.16
CA PHE A 92 -15.52 -0.99 -11.78
C PHE A 92 -15.50 0.21 -10.83
N PRO A 93 -14.41 0.38 -10.08
CA PRO A 93 -14.31 1.58 -9.27
C PRO A 93 -13.90 2.77 -10.14
N LEU A 94 -14.76 3.76 -10.24
CA LEU A 94 -14.44 4.98 -10.99
C LEU A 94 -14.42 6.18 -10.05
N LEU A 95 -13.98 5.97 -8.81
CA LEU A 95 -13.95 7.02 -7.80
C LEU A 95 -12.53 7.19 -7.31
N ASN A 99 -9.17 8.24 -1.70
CA ASN A 99 -10.38 7.42 -1.59
C ASN A 99 -10.45 6.32 -2.67
N GLY A 100 -10.08 6.66 -3.91
CA GLY A 100 -10.01 5.69 -5.00
C GLY A 100 -8.59 5.46 -5.49
N GLU A 101 -7.90 6.57 -5.74
CA GLU A 101 -6.52 6.58 -6.26
C GLU A 101 -5.47 6.20 -5.19
N ASP A 102 -5.77 5.27 -4.29
CA ASP A 102 -4.87 4.99 -3.16
C ASP A 102 -4.98 3.60 -2.52
N GLY A 103 -5.83 2.73 -3.05
CA GLY A 103 -5.83 1.33 -2.65
C GLY A 103 -6.77 0.97 -1.50
N THR A 104 -7.63 1.90 -1.07
CA THR A 104 -8.52 1.65 0.06
C THR A 104 -9.74 0.87 -0.38
N ILE A 105 -10.46 1.37 -1.39
CA ILE A 105 -11.61 0.61 -1.95
C ILE A 105 -11.18 -0.77 -2.44
N GLN A 106 -9.95 -0.87 -2.94
CA GLN A 106 -9.40 -2.15 -3.39
C GLN A 106 -9.32 -3.15 -2.23
N GLY A 107 -8.88 -2.65 -1.07
CA GLY A 107 -8.85 -3.45 0.15
C GLY A 107 -10.24 -3.91 0.59
N LEU A 108 -11.22 -3.06 0.37
CA LEU A 108 -12.58 -3.43 0.74
C LEU A 108 -13.02 -4.58 -0.13
N PHE A 109 -12.69 -4.50 -1.41
CA PHE A 109 -13.11 -5.50 -2.38
C PHE A 109 -12.45 -6.81 -2.03
N GLU A 110 -11.16 -6.77 -1.78
CA GLU A 110 -10.42 -8.00 -1.43
C GLU A 110 -11.07 -8.72 -0.25
N VAL A 111 -11.40 -7.97 0.79
CA VAL A 111 -11.96 -8.53 2.01
C VAL A 111 -13.35 -9.12 1.78
N LEU A 112 -14.17 -8.43 0.98
CA LEU A 112 -15.49 -8.94 0.56
C LEU A 112 -15.41 -9.94 -0.59
N ASP A 113 -14.20 -10.18 -1.09
CA ASP A 113 -13.96 -11.09 -2.22
C ASP A 113 -14.78 -10.72 -3.47
N VAL A 114 -14.83 -9.43 -3.77
CA VAL A 114 -15.49 -8.93 -4.99
C VAL A 114 -14.47 -8.75 -6.11
N PRO A 115 -14.79 -9.22 -7.33
CA PRO A 115 -13.91 -9.02 -8.47
C PRO A 115 -13.94 -7.57 -8.90
N TYR A 116 -12.80 -7.02 -9.26
CA TYR A 116 -12.74 -5.63 -9.60
C TYR A 116 -11.77 -5.32 -10.71
N VAL A 117 -12.09 -4.26 -11.45
CA VAL A 117 -11.28 -3.78 -12.52
C VAL A 117 -10.03 -3.06 -11.99
N GLY A 118 -8.91 -3.23 -12.69
CA GLY A 118 -7.73 -2.47 -12.41
C GLY A 118 -6.86 -3.02 -11.29
N ASN A 119 -6.06 -2.12 -10.76
CA ASN A 119 -4.94 -2.48 -9.89
C ASN A 119 -5.31 -2.88 -8.48
N GLY A 120 -4.54 -3.81 -7.92
CA GLY A 120 -4.72 -4.22 -6.52
C GLY A 120 -4.21 -3.18 -5.54
N VAL A 121 -4.14 -3.56 -4.25
CA VAL A 121 -3.84 -2.65 -3.14
C VAL A 121 -2.43 -2.08 -3.30
N LEU A 122 -1.47 -2.96 -3.54
CA LEU A 122 -0.06 -2.59 -3.64
C LEU A 122 0.20 -1.68 -4.80
N SER A 123 -0.26 -2.06 -5.98
CA SER A 123 -0.02 -1.23 -7.15
C SER A 123 -0.71 0.11 -6.98
N ALA A 124 -1.98 0.12 -6.56
CA ALA A 124 -2.72 1.39 -6.40
C ALA A 124 -2.12 2.29 -5.33
N ALA A 125 -1.68 1.70 -4.22
CA ALA A 125 -1.13 2.48 -3.09
C ALA A 125 0.28 3.05 -3.37
N SER A 126 1.19 2.20 -3.83
CA SER A 126 2.53 2.67 -4.14
C SER A 126 2.60 3.67 -5.29
N SER A 127 1.59 3.72 -6.15
CA SER A 127 1.51 4.74 -7.18
C SER A 127 0.97 6.06 -6.68
N MET A 128 0.31 6.07 -5.53
CA MET A 128 -0.11 7.32 -4.87
C MET A 128 0.91 7.82 -3.85
N ASP A 129 2.03 7.11 -3.70
CA ASP A 129 3.12 7.58 -2.86
C ASP A 129 4.32 7.72 -3.76
N LYS A 130 4.65 8.97 -4.05
CA LYS A 130 5.70 9.25 -4.99
C LYS A 130 7.02 8.62 -4.56
N LEU A 131 7.29 8.58 -3.24
CA LEU A 131 8.54 8.00 -2.75
C LEU A 131 8.61 6.51 -3.03
N VAL A 132 7.55 5.77 -2.76
CA VAL A 132 7.59 4.34 -2.96
C VAL A 132 7.72 4.07 -4.46
N MET A 133 6.89 4.75 -5.22
CA MET A 133 6.94 4.65 -6.66
C MET A 133 8.36 4.82 -7.17
N LYS A 134 9.03 5.86 -6.70
CA LYS A 134 10.38 6.16 -7.16
C LYS A 134 11.38 5.06 -6.80
N GLN A 135 11.20 4.39 -5.67
CA GLN A 135 12.04 3.21 -5.33
C GLN A 135 11.86 2.03 -6.27
N LEU A 136 10.62 1.79 -6.69
CA LEU A 136 10.38 0.70 -7.61
C LEU A 136 11.04 0.99 -8.93
N PHE A 137 10.94 2.23 -9.43
CA PHE A 137 11.53 2.58 -10.70
C PHE A 137 13.06 2.44 -10.65
N GLU A 138 13.62 2.81 -9.50
CA GLU A 138 15.05 2.79 -9.30
C GLU A 138 15.54 1.34 -9.28
N HIS A 139 14.79 0.47 -8.60
CA HIS A 139 15.16 -0.94 -8.49
C HIS A 139 15.18 -1.61 -9.86
N ARG A 140 14.25 -1.20 -10.72
CA ARG A 140 14.21 -1.70 -12.08
C ARG A 140 15.33 -1.08 -12.92
N GLY A 141 15.86 0.07 -12.49
CA GLY A 141 16.85 0.79 -13.26
C GLY A 141 16.27 1.68 -14.34
N LEU A 142 15.02 2.13 -14.18
CA LEU A 142 14.45 3.10 -15.13
C LEU A 142 14.99 4.48 -14.80
N PRO A 143 15.36 5.28 -15.82
CA PRO A 143 15.92 6.58 -15.54
C PRO A 143 14.89 7.56 -14.99
N GLN A 144 15.28 8.25 -13.92
CA GLN A 144 14.45 9.28 -13.32
C GLN A 144 15.30 10.46 -12.87
N LEU A 145 14.65 11.61 -12.75
CA LEU A 145 15.31 12.83 -12.32
C LEU A 145 15.84 12.72 -10.89
N PRO A 146 16.93 13.46 -10.57
CA PRO A 146 17.34 13.50 -9.18
C PRO A 146 16.22 14.04 -8.29
N TYR A 147 16.22 13.64 -7.03
CA TYR A 147 15.19 14.04 -6.09
C TYR A 147 15.63 13.70 -4.67
N ILE A 148 15.00 14.34 -3.69
CA ILE A 148 15.10 13.91 -2.29
C ILE A 148 13.74 13.86 -1.69
N SER A 149 13.62 13.18 -0.56
CA SER A 149 12.35 13.13 0.14
C SER A 149 12.56 13.34 1.65
N PHE A 150 11.55 13.86 2.32
CA PHE A 150 11.62 14.08 3.75
C PHE A 150 10.24 14.33 4.31
N LEU A 151 10.11 14.01 5.59
CA LEU A 151 8.89 14.20 6.34
C LEU A 151 8.86 15.61 6.92
N ARG A 152 7.68 16.06 7.34
CA ARG A 152 7.55 17.33 8.07
C ARG A 152 8.38 17.39 9.35
N SER A 153 8.30 16.37 10.21
CA SER A 153 9.10 16.35 11.45
C SER A 153 10.57 16.58 11.18
N GLU A 154 11.06 16.01 10.07
CA GLU A 154 12.46 16.15 9.69
C GLU A 154 12.79 17.56 9.23
N TYR A 155 11.89 18.18 8.48
CA TYR A 155 12.13 19.54 8.01
C TYR A 155 12.21 20.49 9.23
N GLU A 156 11.21 20.39 10.12
CA GLU A 156 11.20 21.14 11.39
C GLU A 156 12.53 21.11 12.15
N LYS A 157 13.19 19.97 12.12
CA LYS A 157 14.34 19.69 12.96
C LYS A 157 15.63 19.86 12.18
N TYR A 158 15.58 19.72 10.85
CA TYR A 158 16.76 19.84 10.01
C TYR A 158 16.53 20.72 8.78
N GLU A 159 15.83 21.84 8.96
CA GLU A 159 15.56 22.73 7.82
C GLU A 159 16.82 23.06 7.04
N HIS A 160 17.85 23.49 7.75
CA HIS A 160 19.08 23.98 7.09
C HIS A 160 19.79 22.87 6.29
N ASN A 161 20.00 21.71 6.90
CA ASN A 161 20.64 20.56 6.23
C ASN A 161 19.92 20.12 4.94
N ILE A 162 18.59 20.18 4.97
CA ILE A 162 17.73 19.78 3.85
C ILE A 162 17.82 20.76 2.66
N LEU A 163 17.79 22.06 2.99
CA LEU A 163 18.00 23.12 1.99
C LEU A 163 19.39 23.01 1.34
N LYS A 164 20.41 22.75 2.15
CA LYS A 164 21.76 22.50 1.64
C LYS A 164 21.84 21.21 0.80
N LEU A 165 21.08 20.20 1.17
CA LEU A 165 21.06 18.95 0.39
C LEU A 165 20.45 19.25 -0.98
N VAL A 166 19.35 20.00 -0.98
CA VAL A 166 18.64 20.34 -2.20
C VAL A 166 19.56 21.09 -3.15
N ASN A 167 20.38 21.98 -2.60
CA ASN A 167 21.32 22.75 -3.41
C ASN A 167 22.54 21.93 -3.88
N ASP A 168 22.97 20.95 -3.09
CA ASP A 168 24.11 20.07 -3.47
C ASP A 168 23.73 19.01 -4.53
N LYS A 169 22.57 18.39 -4.36
CA LYS A 169 22.16 17.22 -5.18
C LYS A 169 21.35 17.60 -6.45
N LEU A 170 20.62 18.70 -6.36
CA LEU A 170 19.66 19.11 -7.38
C LEU A 170 20.04 20.48 -7.98
N ASN A 171 19.73 20.66 -9.26
CA ASN A 171 19.92 21.94 -9.95
C ASN A 171 18.59 22.69 -9.94
N TYR A 172 18.61 23.96 -9.52
CA TYR A 172 17.44 24.82 -9.61
C TYR A 172 17.18 25.12 -11.08
N PRO A 173 15.91 25.29 -11.49
CA PRO A 173 14.67 25.18 -10.70
C PRO A 173 14.37 23.77 -10.22
N VAL A 174 13.57 23.66 -9.15
CA VAL A 174 13.16 22.36 -8.65
C VAL A 174 11.65 22.37 -8.48
N PHE A 175 11.05 21.17 -8.39
CA PHE A 175 9.60 21.06 -8.13
C PHE A 175 9.38 20.40 -6.80
N VAL A 176 8.67 21.09 -5.90
CA VAL A 176 8.25 20.51 -4.63
C VAL A 176 6.88 19.93 -4.80
N LYS A 177 6.70 18.71 -4.32
CA LYS A 177 5.45 17.98 -4.49
C LYS A 177 5.13 17.21 -3.21
N PRO A 178 3.90 17.33 -2.72
CA PRO A 178 3.38 16.34 -1.78
C PRO A 178 3.59 14.93 -2.30
N ALA A 179 4.05 14.02 -1.46
CA ALA A 179 4.32 12.66 -1.91
C ALA A 179 3.03 11.84 -2.13
N ASN A 180 1.94 12.21 -1.45
CA ASN A 180 0.76 11.34 -1.30
C ASN A 180 -0.52 11.80 -1.99
N LEU A 181 -0.47 12.92 -2.72
CA LEU A 181 -1.64 13.44 -3.42
C LEU A 181 -1.51 13.30 -4.94
N GLY A 182 -2.66 13.18 -5.60
CA GLY A 182 -2.75 12.98 -7.05
C GLY A 182 -3.66 14.03 -7.66
N SER A 183 -3.07 15.18 -7.92
CA SER A 183 -3.72 16.41 -8.36
C SER A 183 -2.62 17.41 -8.12
N SER A 184 -2.69 18.59 -8.72
CA SER A 184 -1.57 19.53 -8.63
C SER A 184 -1.56 20.40 -7.36
N VAL A 185 -2.41 20.09 -6.39
CA VAL A 185 -2.36 20.86 -5.12
C VAL A 185 -1.01 20.72 -4.43
N GLY A 186 -0.47 21.87 -4.05
CA GLY A 186 0.77 21.91 -3.30
C GLY A 186 2.03 21.79 -4.13
N ILE A 187 1.91 21.57 -5.45
CA ILE A 187 3.09 21.51 -6.32
C ILE A 187 3.50 22.94 -6.67
N SER A 188 4.78 23.25 -6.55
CA SER A 188 5.24 24.53 -7.03
C SER A 188 6.64 24.41 -7.57
N LYS A 189 6.91 25.21 -8.58
CA LYS A 189 8.22 25.28 -9.20
C LYS A 189 9.00 26.38 -8.51
N CYS A 190 10.19 26.04 -8.02
CA CYS A 190 10.97 26.96 -7.21
C CYS A 190 12.33 27.21 -7.84
N ASN A 191 12.64 28.50 -8.03
CA ASN A 191 13.85 28.94 -8.70
C ASN A 191 15.03 29.16 -7.77
N ASN A 192 14.77 29.30 -6.48
CA ASN A 192 15.86 29.48 -5.52
C ASN A 192 15.40 29.15 -4.12
N GLU A 193 16.29 29.32 -3.14
CA GLU A 193 16.03 28.86 -1.78
C GLU A 193 14.79 29.49 -1.17
N ALA A 194 14.60 30.78 -1.39
CA ALA A 194 13.48 31.52 -0.81
C ALA A 194 12.15 31.04 -1.37
N GLU A 195 12.12 30.75 -2.66
CA GLU A 195 10.93 30.18 -3.28
C GLU A 195 10.72 28.74 -2.82
N LEU A 196 11.80 27.99 -2.62
CA LEU A 196 11.67 26.64 -2.07
C LEU A 196 11.06 26.67 -0.67
N LYS A 197 11.58 27.53 0.22
CA LYS A 197 11.02 27.63 1.57
C LYS A 197 9.52 27.84 1.52
N GLU A 198 9.07 28.73 0.63
CA GLU A 198 7.65 29.02 0.48
C GLU A 198 6.88 27.88 -0.17
N GLY A 199 7.50 27.16 -1.10
CA GLY A 199 6.90 25.94 -1.68
C GLY A 199 6.74 24.80 -0.69
N ILE A 200 7.76 24.58 0.13
CA ILE A 200 7.73 23.55 1.17
C ILE A 200 6.61 23.88 2.16
N LYS A 201 6.65 25.11 2.68
CA LYS A 201 5.61 25.64 3.60
C LYS A 201 4.22 25.36 3.06
N GLU A 202 4.00 25.74 1.81
CA GLU A 202 2.71 25.56 1.15
C GLU A 202 2.35 24.10 0.89
N ALA A 203 3.32 23.28 0.52
CA ALA A 203 3.07 21.85 0.33
C ALA A 203 2.70 21.17 1.64
N PHE A 204 3.28 21.61 2.75
CA PHE A 204 2.93 21.03 4.08
C PHE A 204 1.51 21.33 4.60
N GLN A 205 0.73 22.14 3.92
CA GLN A 205 -0.69 22.30 4.28
C GLN A 205 -1.49 21.03 3.97
N PHE A 206 -0.93 20.20 3.09
CA PHE A 206 -1.67 19.13 2.43
C PHE A 206 -1.12 17.73 2.71
N ASP A 207 0.17 17.63 3.00
CA ASP A 207 0.80 16.32 3.20
C ASP A 207 1.82 16.43 4.32
N ARG A 208 2.27 15.29 4.79
CA ARG A 208 3.28 15.22 5.82
C ARG A 208 4.62 14.70 5.27
N LYS A 209 4.65 14.39 3.97
CA LYS A 209 5.83 13.92 3.28
C LYS A 209 5.91 14.59 1.90
N LEU A 210 7.12 14.99 1.54
CA LEU A 210 7.38 15.66 0.29
C LEU A 210 8.55 15.03 -0.45
N VAL A 211 8.52 15.22 -1.75
CA VAL A 211 9.64 14.93 -2.59
C VAL A 211 10.00 16.26 -3.23
N ILE A 212 11.28 16.47 -3.49
CA ILE A 212 11.73 17.63 -4.26
C ILE A 212 12.54 17.09 -5.45
N GLU A 213 12.14 17.47 -6.66
CA GLU A 213 12.77 16.95 -7.87
C GLU A 213 13.48 18.07 -8.61
N GLN A 214 14.64 17.74 -9.17
CA GLN A 214 15.27 18.61 -10.14
C GLN A 214 14.31 18.86 -11.30
N GLY A 215 14.17 20.12 -11.71
CA GLY A 215 13.33 20.46 -12.86
C GLY A 215 14.03 20.16 -14.18
N VAL A 216 13.24 19.80 -15.21
CA VAL A 216 13.75 19.68 -16.57
C VAL A 216 12.91 20.48 -17.53
N ASN A 217 13.50 20.76 -18.68
CA ASN A 217 12.76 21.35 -19.79
C ASN A 217 12.47 20.21 -20.75
N ALA A 218 11.21 19.82 -20.86
CA ALA A 218 10.91 18.54 -21.49
C ALA A 218 9.51 18.47 -22.03
N ARG A 219 9.29 17.53 -22.94
CA ARG A 219 7.94 17.19 -23.35
C ARG A 219 7.38 16.13 -22.40
N GLU A 220 6.10 16.24 -22.08
CA GLU A 220 5.40 15.25 -21.26
C GLU A 220 4.73 14.24 -22.16
N ILE A 221 5.19 13.01 -22.07
CA ILE A 221 4.82 11.98 -23.01
C ILE A 221 4.25 10.87 -22.16
N GLU A 222 3.17 10.25 -22.63
CA GLU A 222 2.46 9.24 -21.86
C GLU A 222 2.19 7.99 -22.69
N VAL A 223 2.30 6.83 -22.05
CA VAL A 223 2.02 5.53 -22.65
C VAL A 223 0.94 4.75 -21.85
N ALA A 224 -0.05 4.18 -22.55
CA ALA A 224 -1.11 3.40 -21.94
C ALA A 224 -0.79 1.93 -22.02
N VAL A 225 -0.94 1.22 -20.91
CA VAL A 225 -0.75 -0.22 -20.94
C VAL A 225 -1.99 -0.92 -20.38
N LEU A 226 -2.18 -2.14 -20.84
CA LEU A 226 -3.40 -2.90 -20.67
C LEU A 226 -3.06 -4.38 -20.62
N GLY A 227 -3.67 -5.08 -19.66
CA GLY A 227 -3.47 -6.52 -19.52
C GLY A 227 -3.24 -6.92 -18.07
N ASN A 228 -2.98 -8.21 -17.88
CA ASN A 228 -2.61 -8.78 -16.59
C ASN A 228 -1.20 -9.37 -16.78
N ASP A 229 -1.09 -10.63 -17.19
CA ASP A 229 0.22 -11.28 -17.31
C ASP A 229 0.96 -10.90 -18.57
N TYR A 230 0.24 -10.48 -19.62
CA TYR A 230 0.86 -10.13 -20.91
C TYR A 230 0.46 -8.73 -21.35
N PRO A 231 0.94 -7.71 -20.62
CA PRO A 231 0.52 -6.37 -20.91
C PRO A 231 1.02 -5.88 -22.26
N GLU A 232 0.20 -5.09 -22.93
CA GLU A 232 0.59 -4.43 -24.17
C GLU A 232 0.52 -2.94 -23.97
N ALA A 233 1.35 -2.24 -24.73
CA ALA A 233 1.52 -0.81 -24.61
C ALA A 233 1.13 -0.15 -25.94
N THR A 234 0.65 1.08 -25.85
CA THR A 234 0.22 1.83 -27.01
C THR A 234 1.43 2.62 -27.47
N TRP A 235 1.31 3.24 -28.65
CA TRP A 235 2.28 4.25 -29.05
C TRP A 235 2.15 5.41 -28.06
N PRO A 236 3.25 6.12 -27.80
CA PRO A 236 3.18 7.25 -26.89
C PRO A 236 2.46 8.44 -27.46
N GLY A 237 1.85 9.22 -26.59
CA GLY A 237 1.25 10.48 -26.95
C GLY A 237 1.86 11.60 -26.15
N GLU A 238 1.68 12.84 -26.62
CA GLU A 238 2.21 14.02 -25.94
C GLU A 238 1.08 14.86 -25.35
N VAL A 239 1.33 15.39 -24.15
CA VAL A 239 0.44 16.34 -23.51
C VAL A 239 1.10 17.72 -23.56
N VAL A 240 0.58 18.61 -24.42
CA VAL A 240 1.02 20.02 -24.42
C VAL A 240 -0.05 20.92 -23.85
N VAL A 257 -5.10 22.03 -22.81
CA VAL A 257 -4.66 20.66 -23.01
C VAL A 257 -5.10 20.13 -24.38
N GLN A 258 -4.13 20.08 -25.30
CA GLN A 258 -4.22 19.36 -26.56
C GLN A 258 -3.45 18.03 -26.39
N LEU A 259 -4.06 16.94 -26.84
CA LEU A 259 -3.49 15.61 -26.74
C LEU A 259 -2.96 15.19 -28.12
N LYS A 260 -1.65 15.01 -28.25
CA LYS A 260 -1.05 14.67 -29.55
C LYS A 260 -0.75 13.20 -29.61
N ILE A 261 -1.49 12.48 -30.45
CA ILE A 261 -1.36 11.05 -30.54
C ILE A 261 -1.26 10.65 -31.99
N PRO A 262 -0.18 9.96 -32.37
CA PRO A 262 1.00 9.56 -31.58
C PRO A 262 1.98 10.74 -31.43
N ALA A 263 2.78 10.75 -30.38
CA ALA A 263 3.74 11.84 -30.20
C ALA A 263 4.73 11.95 -31.39
N ASP A 264 5.13 13.19 -31.67
CA ASP A 264 6.16 13.49 -32.67
C ASP A 264 7.55 13.05 -32.20
N LEU A 265 7.85 11.76 -32.29
CA LEU A 265 9.10 11.23 -31.75
C LEU A 265 9.73 10.29 -32.75
N ASP A 266 11.06 10.21 -32.72
CA ASP A 266 11.79 9.30 -33.59
C ASP A 266 11.27 7.92 -33.26
N GLU A 267 11.53 6.98 -34.16
CA GLU A 267 10.92 5.65 -34.03
C GLU A 267 11.51 4.88 -32.87
N ASP A 268 12.84 4.81 -32.80
CA ASP A 268 13.56 4.17 -31.71
C ASP A 268 13.18 4.69 -30.32
N VAL A 269 12.87 5.99 -30.22
CA VAL A 269 12.47 6.62 -28.96
C VAL A 269 11.07 6.13 -28.55
N GLN A 270 10.13 6.16 -29.49
CA GLN A 270 8.81 5.54 -29.28
C GLN A 270 8.87 4.12 -28.73
N LEU A 271 9.71 3.28 -29.31
CA LEU A 271 9.81 1.89 -28.86
C LEU A 271 10.36 1.79 -27.44
N THR A 272 11.34 2.64 -27.13
CA THR A 272 11.95 2.68 -25.80
C THR A 272 10.92 2.99 -24.72
N LEU A 273 10.10 3.98 -25.01
CA LEU A 273 9.05 4.41 -24.13
C LEU A 273 8.06 3.30 -23.89
N ARG A 274 7.68 2.60 -24.96
CA ARG A 274 6.74 1.48 -24.85
C ARG A 274 7.25 0.39 -23.93
N ASN A 275 8.51 0.02 -24.10
CA ASN A 275 9.12 -1.03 -23.33
C ASN A 275 9.34 -0.63 -21.88
N MET A 276 9.76 0.61 -21.63
CA MET A 276 9.89 1.13 -20.24
C MET A 276 8.57 1.16 -19.52
N ALA A 277 7.52 1.47 -20.26
CA ALA A 277 6.16 1.51 -19.69
C ALA A 277 5.75 0.12 -19.31
N LEU A 278 6.01 -0.88 -20.18
CA LEU A 278 5.74 -2.28 -19.83
C LEU A 278 6.58 -2.69 -18.62
N GLU A 279 7.84 -2.31 -18.54
CA GLU A 279 8.64 -2.68 -17.35
C GLU A 279 8.15 -1.98 -16.07
N ALA A 280 7.65 -0.75 -16.19
CA ALA A 280 7.05 -0.04 -15.03
C ALA A 280 5.81 -0.76 -14.54
N PHE A 281 4.99 -1.18 -15.50
CA PHE A 281 3.74 -1.89 -15.19
C PHE A 281 4.07 -3.09 -14.32
N LYS A 282 5.10 -3.84 -14.71
CA LYS A 282 5.38 -5.09 -14.02
C LYS A 282 6.06 -4.86 -12.68
N GLU A 283 7.00 -3.93 -12.64
CA GLU A 283 7.75 -3.64 -11.43
C GLU A 283 6.80 -3.12 -10.34
N THR A 284 5.79 -2.35 -10.72
CA THR A 284 4.78 -1.90 -9.76
C THR A 284 3.61 -2.89 -9.55
N ASP A 285 3.71 -4.11 -10.07
CA ASP A 285 2.73 -5.16 -9.79
C ASP A 285 1.31 -4.79 -10.26
N CYS A 286 1.23 -4.11 -11.41
CA CYS A 286 -0.05 -3.68 -11.92
C CYS A 286 -0.86 -4.86 -12.44
N SER A 287 -2.17 -4.59 -12.49
CA SER A 287 -3.18 -5.45 -13.03
C SER A 287 -4.10 -4.54 -13.84
N GLY A 288 -4.59 -5.05 -14.95
CA GLY A 288 -5.55 -4.34 -15.75
C GLY A 288 -4.93 -3.25 -16.60
N LEU A 289 -4.41 -2.22 -15.94
CA LEU A 289 -3.88 -1.06 -16.64
C LEU A 289 -2.86 -0.26 -15.84
N VAL A 290 -2.17 0.63 -16.58
CA VAL A 290 -1.44 1.72 -15.99
C VAL A 290 -1.19 2.71 -17.09
N ARG A 291 -1.11 3.99 -16.74
CA ARG A 291 -0.55 4.99 -17.62
C ARG A 291 0.81 5.40 -17.09
N ALA A 292 1.83 5.34 -17.95
CA ALA A 292 3.19 5.72 -17.55
C ALA A 292 3.47 7.07 -18.18
N ASP A 293 3.88 8.04 -17.37
CA ASP A 293 4.14 9.40 -17.86
C ASP A 293 5.65 9.59 -17.81
N PHE A 294 6.20 10.17 -18.87
CA PHE A 294 7.62 10.40 -19.03
C PHE A 294 7.94 11.84 -19.34
N PHE A 295 9.21 12.18 -19.16
CA PHE A 295 9.76 13.45 -19.64
C PHE A 295 10.76 13.09 -20.71
N VAL A 296 10.70 13.80 -21.83
CA VAL A 296 11.62 13.57 -22.94
C VAL A 296 12.12 14.93 -23.41
N THR A 297 13.43 15.14 -23.32
CA THR A 297 14.08 16.37 -23.75
C THR A 297 14.22 16.44 -25.26
N GLU A 298 14.45 17.66 -25.76
CA GLU A 298 14.82 17.91 -27.17
C GLU A 298 15.77 16.85 -27.74
N ASP A 299 16.83 16.52 -27.00
CA ASP A 299 17.81 15.54 -27.50
C ASP A 299 17.54 14.10 -27.04
N ASN A 300 16.28 13.85 -26.66
CA ASN A 300 15.77 12.49 -26.39
C ASN A 300 16.36 11.79 -25.15
N GLN A 301 16.64 12.55 -24.10
CA GLN A 301 16.79 11.96 -22.77
C GLN A 301 15.41 11.65 -22.20
N ILE A 302 15.28 10.44 -21.63
CA ILE A 302 14.05 9.96 -21.06
C ILE A 302 14.13 9.90 -19.54
N TYR A 303 13.11 10.43 -18.89
CA TYR A 303 12.94 10.25 -17.46
C TYR A 303 11.50 9.79 -17.22
N ILE A 304 11.30 8.67 -16.51
CA ILE A 304 9.94 8.31 -16.12
C ILE A 304 9.50 9.24 -14.99
N ASN A 305 8.29 9.80 -15.09
CA ASN A 305 7.77 10.70 -14.06
C ASN A 305 6.92 9.94 -13.07
N GLU A 306 5.87 9.27 -13.56
CA GLU A 306 5.01 8.51 -12.69
C GLU A 306 4.29 7.40 -13.41
N THR A 307 3.74 6.49 -12.62
CA THR A 307 2.67 5.66 -13.10
C THR A 307 1.35 6.14 -12.47
N ASN A 308 0.28 6.12 -13.26
CA ASN A 308 -1.06 6.37 -12.75
C ASN A 308 -1.86 5.06 -12.76
N ALA A 309 -2.26 4.60 -11.56
CA ALA A 309 -2.97 3.34 -11.43
C ALA A 309 -4.44 3.45 -11.79
N MET A 310 -4.99 4.66 -11.70
CA MET A 310 -6.32 4.94 -12.23
C MET A 310 -6.33 6.22 -13.03
N PRO A 311 -5.86 6.14 -14.28
CA PRO A 311 -5.83 7.29 -15.14
C PRO A 311 -7.25 7.76 -15.47
N GLY A 312 -7.39 9.04 -15.75
CA GLY A 312 -8.63 9.57 -16.33
C GLY A 312 -9.16 8.63 -17.41
N PHE A 313 -10.47 8.43 -17.38
CA PHE A 313 -11.13 7.41 -18.17
C PHE A 313 -12.46 7.88 -18.79
N THR A 314 -12.60 9.18 -19.04
CA THR A 314 -13.72 9.69 -19.85
C THR A 314 -13.41 9.32 -21.28
N ALA A 315 -14.42 9.40 -22.14
CA ALA A 315 -14.23 9.16 -23.59
C ALA A 315 -13.14 10.03 -24.21
N PHE A 316 -12.88 11.20 -23.61
CA PHE A 316 -11.92 12.16 -24.18
C PHE A 316 -10.56 12.20 -23.47
N SER A 317 -10.36 11.31 -22.51
CA SER A 317 -9.12 11.26 -21.74
C SER A 317 -8.00 10.57 -22.51
N MET A 318 -6.78 10.79 -22.03
CA MET A 318 -5.60 10.35 -22.74
C MET A 318 -5.51 8.83 -22.83
N TYR A 319 -5.81 8.15 -21.72
CA TYR A 319 -5.70 6.70 -21.69
C TYR A 319 -6.57 6.04 -22.79
N PRO A 320 -7.88 6.32 -22.82
CA PRO A 320 -8.65 5.71 -23.94
C PRO A 320 -8.27 6.21 -25.34
N LYS A 321 -7.98 7.51 -25.46
CA LYS A 321 -7.54 8.04 -26.76
C LYS A 321 -6.27 7.35 -27.26
N LEU A 322 -5.38 6.94 -26.36
CA LEU A 322 -4.18 6.22 -26.81
C LEU A 322 -4.52 4.84 -27.35
N TRP A 323 -5.53 4.21 -26.77
CA TRP A 323 -5.99 2.89 -27.26
C TRP A 323 -6.80 2.97 -28.55
N GLU A 324 -7.53 4.07 -28.74
CA GLU A 324 -8.27 4.34 -29.98
C GLU A 324 -7.29 4.36 -31.15
N ASN A 325 -6.21 5.14 -31.00
CA ASN A 325 -5.12 5.17 -31.96
C ASN A 325 -4.51 3.81 -32.33
N MET A 326 -4.65 2.82 -31.47
CA MET A 326 -4.27 1.44 -31.79
C MET A 326 -5.44 0.61 -32.36
N GLY A 327 -6.60 1.23 -32.60
CA GLY A 327 -7.75 0.51 -33.15
C GLY A 327 -8.58 -0.21 -32.09
N LEU A 328 -8.47 0.21 -30.84
CA LEU A 328 -9.29 -0.38 -29.80
C LEU A 328 -10.25 0.71 -29.38
N SER A 329 -11.53 0.50 -29.67
CA SER A 329 -12.54 1.48 -29.32
C SER A 329 -12.76 1.49 -27.82
N TYR A 330 -13.38 2.55 -27.34
CA TYR A 330 -13.66 2.75 -25.92
C TYR A 330 -14.56 1.62 -25.36
N PRO A 331 -15.67 1.29 -26.04
CA PRO A 331 -16.46 0.10 -25.66
C PRO A 331 -15.64 -1.16 -25.49
N GLU A 332 -14.75 -1.41 -26.44
CA GLU A 332 -13.92 -2.61 -26.44
C GLU A 332 -12.84 -2.56 -25.35
N LEU A 333 -12.34 -1.36 -25.07
CA LEU A 333 -11.41 -1.15 -23.97
C LEU A 333 -12.08 -1.58 -22.66
N ILE A 334 -13.28 -1.04 -22.42
CA ILE A 334 -14.08 -1.38 -21.24
C ILE A 334 -14.33 -2.88 -21.10
N THR A 335 -14.67 -3.51 -22.22
CA THR A 335 -14.85 -4.97 -22.29
C THR A 335 -13.57 -5.74 -21.99
N LYS A 336 -12.44 -5.34 -22.57
CA LYS A 336 -11.17 -5.98 -22.20
C LYS A 336 -10.83 -5.80 -20.69
N LEU A 337 -11.07 -4.60 -20.17
CA LEU A 337 -10.80 -4.36 -18.75
C LEU A 337 -11.65 -5.29 -17.87
N ILE A 338 -12.92 -5.48 -18.29
CA ILE A 338 -13.84 -6.40 -17.58
C ILE A 338 -13.36 -7.84 -17.68
N GLU A 339 -12.95 -8.25 -18.86
CA GLU A 339 -12.45 -9.60 -19.01
C GLU A 339 -11.25 -9.82 -18.10
N LEU A 340 -10.32 -8.85 -18.06
CA LEU A 340 -9.11 -8.98 -17.25
C LEU A 340 -9.44 -9.07 -15.76
N ALA A 341 -10.37 -8.24 -15.31
CA ALA A 341 -10.85 -8.29 -13.93
C ALA A 341 -11.36 -9.69 -13.56
N LYS A 342 -12.14 -10.28 -14.47
CA LYS A 342 -12.67 -11.63 -14.28
C LYS A 342 -11.53 -12.65 -14.27
N GLU A 343 -10.59 -12.52 -15.20
CA GLU A 343 -9.44 -13.45 -15.22
C GLU A 343 -8.61 -13.43 -13.93
N ARG A 344 -8.31 -12.24 -13.43
CA ARG A 344 -7.51 -12.11 -12.20
C ARG A 344 -8.22 -12.64 -10.96
N HIS A 345 -9.52 -12.40 -10.90
CA HIS A 345 -10.33 -12.90 -9.80
C HIS A 345 -10.46 -14.44 -9.82
N GLN A 346 -10.62 -14.99 -11.02
CA GLN A 346 -10.64 -16.44 -11.22
C GLN A 346 -9.31 -17.02 -10.74
N ASP A 347 -8.20 -16.39 -11.11
CA ASP A 347 -6.87 -16.83 -10.63
C ASP A 347 -6.73 -16.71 -9.10
N LYS A 348 -7.44 -15.78 -8.48
CA LYS A 348 -7.43 -15.64 -7.02
C LYS A 348 -8.18 -16.78 -6.30
N GLN A 349 -9.34 -17.15 -6.85
CA GLN A 349 -10.18 -18.21 -6.32
C GLN A 349 -9.44 -19.55 -6.44
N LYS A 350 -8.87 -19.79 -7.62
CA LYS A 350 -8.10 -21.01 -7.91
C LYS A 350 -6.98 -21.27 -6.89
N ASN A 351 -6.32 -20.21 -6.44
CA ASN A 351 -5.19 -20.31 -5.50
C ASN A 351 -5.57 -20.02 -4.06
N LYS A 352 -6.87 -19.96 -3.80
CA LYS A 352 -7.40 -19.61 -2.49
C LYS A 352 -7.07 -20.67 -1.42
N TYR A 353 -6.70 -21.88 -1.86
CA TYR A 353 -6.40 -23.01 -0.97
C TYR A 353 -4.91 -23.37 -0.98
N THR B 2 -17.32 10.37 30.11
CA THR B 2 -17.82 9.00 29.72
C THR B 2 -16.73 8.19 29.03
N LYS B 3 -16.96 6.88 28.85
CA LYS B 3 -15.95 5.99 28.24
C LYS B 3 -15.83 6.16 26.74
N GLU B 4 -14.67 5.79 26.21
CA GLU B 4 -14.47 5.70 24.78
C GLU B 4 -14.76 4.28 24.31
N ASN B 5 -15.07 4.14 23.03
CA ASN B 5 -15.64 2.91 22.50
C ASN B 5 -14.65 2.24 21.54
N ILE B 6 -14.18 1.07 21.93
CA ILE B 6 -13.18 0.32 21.19
C ILE B 6 -13.75 -1.00 20.66
N CYS B 7 -13.30 -1.40 19.48
CA CYS B 7 -13.62 -2.70 18.91
C CYS B 7 -12.31 -3.42 18.59
N ILE B 8 -12.10 -4.59 19.21
CA ILE B 8 -11.00 -5.48 18.87
C ILE B 8 -11.49 -6.45 17.82
N VAL B 9 -10.75 -6.59 16.73
CA VAL B 9 -11.10 -7.48 15.63
C VAL B 9 -10.03 -8.57 15.52
N PHE B 10 -10.46 -9.83 15.49
CA PHE B 10 -9.50 -10.93 15.55
C PHE B 10 -10.01 -12.17 14.83
N GLY B 11 -9.12 -13.16 14.74
CA GLY B 11 -9.39 -14.39 14.03
C GLY B 11 -8.78 -14.32 12.65
N GLY B 12 -9.62 -14.33 11.64
CA GLY B 12 -9.21 -14.20 10.24
C GLY B 12 -9.04 -15.53 9.55
N LYS B 13 -9.03 -15.50 8.21
CA LYS B 13 -8.73 -16.67 7.40
C LYS B 13 -7.23 -16.83 7.33
N SER B 14 -6.60 -17.41 8.35
CA SER B 14 -5.14 -17.58 8.33
C SER B 14 -4.63 -18.81 9.10
N ALA B 15 -3.36 -19.15 8.88
CA ALA B 15 -2.70 -20.19 9.68
C ALA B 15 -2.30 -19.63 11.05
N GLU B 16 -2.47 -18.31 11.20
CA GLU B 16 -2.18 -17.64 12.46
C GLU B 16 -3.48 -17.32 13.20
N HIS B 17 -4.50 -18.16 12.98
CA HIS B 17 -5.81 -17.92 13.53
C HIS B 17 -5.79 -17.98 15.06
N GLU B 18 -5.13 -19.00 15.61
CA GLU B 18 -5.15 -19.18 17.05
C GLU B 18 -4.27 -18.15 17.75
N VAL B 19 -3.14 -17.81 17.14
CA VAL B 19 -2.31 -16.73 17.65
C VAL B 19 -3.14 -15.44 17.78
N SER B 20 -3.93 -15.14 16.74
CA SER B 20 -4.75 -13.92 16.76
C SER B 20 -5.71 -13.95 17.97
N ILE B 21 -6.31 -15.12 18.22
CA ILE B 21 -7.23 -15.28 19.34
C ILE B 21 -6.51 -15.14 20.70
N LEU B 22 -5.33 -15.72 20.78
CA LEU B 22 -4.48 -15.52 21.94
C LEU B 22 -4.21 -14.05 22.18
N THR B 23 -3.92 -13.33 21.11
CA THR B 23 -3.55 -11.92 21.21
C THR B 23 -4.75 -11.12 21.68
N ALA B 24 -5.92 -11.46 21.16
CA ALA B 24 -7.18 -10.84 21.56
C ALA B 24 -7.43 -11.08 23.03
N GLN B 25 -7.21 -12.30 23.50
CA GLN B 25 -7.39 -12.63 24.92
C GLN B 25 -6.50 -11.74 25.75
N ASN B 26 -5.22 -11.75 25.42
CA ASN B 26 -4.22 -10.98 26.12
C ASN B 26 -4.54 -9.48 26.16
N VAL B 27 -4.93 -8.94 25.01
CA VAL B 27 -5.25 -7.51 24.89
C VAL B 27 -6.50 -7.23 25.66
N LEU B 28 -7.52 -8.08 25.51
CA LEU B 28 -8.77 -7.87 26.24
C LEU B 28 -8.58 -7.87 27.76
N ASN B 29 -7.71 -8.74 28.24
CA ASN B 29 -7.48 -8.87 29.67
C ASN B 29 -6.60 -7.73 30.22
N ALA B 30 -6.09 -6.87 29.35
CA ALA B 30 -5.14 -5.82 29.71
C ALA B 30 -5.69 -4.41 29.44
N ILE B 31 -6.57 -4.25 28.45
CA ILE B 31 -7.07 -2.94 28.07
C ILE B 31 -7.74 -2.26 29.29
N ASP B 32 -7.40 -1.00 29.50
CA ASP B 32 -7.87 -0.25 30.68
C ASP B 32 -9.39 -0.09 30.59
N LYS B 33 -10.10 -0.92 31.34
CA LYS B 33 -11.56 -0.94 31.24
C LYS B 33 -12.27 0.19 32.00
N ASP B 34 -11.51 1.05 32.69
CA ASP B 34 -12.09 2.31 33.21
C ASP B 34 -12.24 3.36 32.10
N LYS B 35 -11.33 3.35 31.13
CA LYS B 35 -11.41 4.25 29.98
C LYS B 35 -12.34 3.74 28.89
N TYR B 36 -12.33 2.44 28.64
CA TYR B 36 -12.86 1.93 27.39
C TYR B 36 -14.01 0.97 27.57
N HIS B 37 -15.03 1.17 26.76
CA HIS B 37 -16.10 0.22 26.56
C HIS B 37 -15.69 -0.59 25.32
N VAL B 38 -15.59 -1.92 25.45
CA VAL B 38 -14.96 -2.78 24.45
C VAL B 38 -15.92 -3.82 23.88
N ASP B 39 -16.09 -3.78 22.56
CA ASP B 39 -16.79 -4.79 21.80
C ASP B 39 -15.70 -5.58 21.09
N ILE B 40 -16.01 -6.81 20.70
CA ILE B 40 -15.08 -7.60 19.92
C ILE B 40 -15.81 -8.14 18.70
N ILE B 41 -15.05 -8.30 17.61
CA ILE B 41 -15.51 -8.99 16.42
C ILE B 41 -14.60 -10.18 16.09
N TYR B 42 -15.17 -11.38 15.99
CA TYR B 42 -14.42 -12.56 15.58
C TYR B 42 -14.71 -12.91 14.13
N ILE B 43 -13.66 -13.01 13.34
CA ILE B 43 -13.80 -13.44 11.97
C ILE B 43 -13.43 -14.89 11.93
N THR B 44 -14.39 -15.74 11.56
CA THR B 44 -14.19 -17.18 11.50
C THR B 44 -13.14 -17.53 10.45
N ASN B 45 -12.59 -18.73 10.58
CA ASN B 45 -11.72 -19.32 9.57
C ASN B 45 -12.29 -19.19 8.12
N ASP B 46 -13.62 -19.19 7.98
CA ASP B 46 -14.25 -18.96 6.67
C ASP B 46 -14.74 -17.52 6.39
N GLY B 47 -14.33 -16.56 7.23
CA GLY B 47 -14.62 -15.15 6.99
C GLY B 47 -16.00 -14.66 7.39
N ASP B 48 -16.71 -15.40 8.25
CA ASP B 48 -17.97 -14.92 8.80
C ASP B 48 -17.70 -14.02 10.01
N TRP B 49 -18.24 -12.82 9.99
CA TRP B 49 -17.98 -11.82 11.02
C TRP B 49 -19.00 -11.95 12.14
N ARG B 50 -18.52 -12.13 13.38
CA ARG B 50 -19.39 -12.32 14.54
C ARG B 50 -18.98 -11.42 15.72
N LYS B 51 -19.98 -10.78 16.33
CA LYS B 51 -19.77 -9.70 17.27
C LYS B 51 -20.29 -10.06 18.67
N GLN B 52 -19.61 -9.55 19.69
CA GLN B 52 -20.10 -9.59 21.06
C GLN B 52 -19.83 -8.24 21.73
N ASN B 53 -20.82 -7.69 22.40
CA ASN B 53 -20.69 -6.36 22.99
C ASN B 53 -20.13 -6.38 24.42
N ASN B 54 -19.40 -5.33 24.77
CA ASN B 54 -19.14 -4.99 26.19
C ASN B 54 -18.47 -6.12 26.99
N ILE B 55 -17.24 -6.44 26.62
CA ILE B 55 -16.46 -7.42 27.35
C ILE B 55 -16.09 -6.74 28.67
N THR B 56 -16.37 -7.40 29.80
CA THR B 56 -16.09 -6.84 31.13
C THR B 56 -15.31 -7.81 32.02
N ALA B 57 -15.72 -9.08 32.05
CA ALA B 57 -14.99 -10.09 32.81
C ALA B 57 -13.65 -10.48 32.17
N GLU B 58 -12.77 -11.05 32.98
CA GLU B 58 -11.51 -11.63 32.52
C GLU B 58 -11.81 -12.85 31.63
N ILE B 59 -11.09 -12.99 30.53
CA ILE B 59 -11.21 -14.13 29.63
C ILE B 59 -10.28 -15.23 30.13
N LYS B 60 -10.84 -16.32 30.67
CA LYS B 60 -10.01 -17.40 31.24
C LYS B 60 -9.41 -18.24 30.13
N SER B 61 -10.14 -18.35 29.03
CA SER B 61 -9.79 -19.30 27.98
C SER B 61 -9.96 -18.75 26.57
N THR B 62 -9.03 -19.17 25.70
CA THR B 62 -9.17 -19.19 24.24
C THR B 62 -10.54 -19.63 23.73
N ASP B 63 -11.06 -20.73 24.28
CA ASP B 63 -12.33 -21.32 23.84
C ASP B 63 -13.49 -20.30 23.84
N GLU B 64 -13.48 -19.37 24.79
CA GLU B 64 -14.55 -18.35 24.90
C GLU B 64 -14.63 -17.40 23.71
N LEU B 65 -13.49 -17.19 23.04
CA LEU B 65 -13.41 -16.20 21.99
C LEU B 65 -13.76 -16.77 20.59
N HIS B 66 -13.96 -18.09 20.53
CA HIS B 66 -14.54 -18.73 19.33
C HIS B 66 -16.04 -18.51 19.33
N LEU B 67 -16.45 -17.31 18.94
CA LEU B 67 -17.84 -16.90 19.07
C LEU B 67 -18.74 -17.75 18.16
N GLU B 68 -19.93 -18.07 18.67
CA GLU B 68 -20.78 -19.15 18.14
C GLU B 68 -21.87 -18.64 17.21
N GLU B 74 -23.61 -8.67 8.12
CA GLU B 74 -23.17 -7.47 7.42
C GLU B 74 -21.99 -6.80 8.13
N ILE B 75 -20.80 -6.96 7.55
CA ILE B 75 -19.56 -6.37 8.08
C ILE B 75 -19.69 -4.89 8.37
N SER B 76 -20.24 -4.15 7.42
CA SER B 76 -20.45 -2.70 7.55
C SER B 76 -21.27 -2.33 8.78
N GLN B 77 -22.30 -3.12 9.04
CA GLN B 77 -23.23 -2.90 10.15
C GLN B 77 -22.54 -3.10 11.51
N LEU B 78 -21.55 -3.99 11.55
CA LEU B 78 -20.86 -4.30 12.79
C LEU B 78 -19.87 -3.21 13.21
N LEU B 79 -19.12 -2.66 12.25
CA LEU B 79 -18.11 -1.64 12.55
C LEU B 79 -18.69 -0.24 12.80
N LYS B 80 -19.84 0.06 12.22
CA LYS B 80 -20.29 1.45 12.19
C LYS B 80 -20.91 1.95 13.48
N GLU B 81 -21.28 1.04 14.36
CA GLU B 81 -21.82 1.45 15.64
C GLU B 81 -21.33 0.54 16.76
N SER B 82 -21.08 1.15 17.91
CA SER B 82 -20.76 0.43 19.12
C SER B 82 -22.03 0.14 19.93
N SER B 83 -21.87 -0.69 20.95
CA SER B 83 -22.96 -1.07 21.84
C SER B 83 -23.37 0.05 22.82
N SER B 84 -22.60 1.14 22.88
CA SER B 84 -23.09 2.34 23.54
C SER B 84 -23.93 3.21 22.57
N GLY B 85 -24.11 2.75 21.33
CA GLY B 85 -24.85 3.51 20.29
C GLY B 85 -23.96 4.45 19.48
N GLN B 86 -22.82 4.84 20.06
CA GLN B 86 -21.89 5.77 19.45
C GLN B 86 -21.01 5.08 18.39
N PRO B 87 -20.34 5.87 17.52
CA PRO B 87 -19.35 5.27 16.66
C PRO B 87 -18.07 4.96 17.44
N TYR B 88 -17.29 4.01 16.95
CA TYR B 88 -16.03 3.67 17.60
C TYR B 88 -15.03 4.82 17.52
N ASP B 89 -14.34 5.03 18.63
CA ASP B 89 -13.26 5.98 18.70
C ASP B 89 -12.01 5.28 18.15
N ALA B 90 -12.00 3.94 18.15
CA ALA B 90 -10.90 3.23 17.50
C ALA B 90 -11.12 1.74 17.37
N VAL B 91 -10.61 1.17 16.29
CA VAL B 91 -10.64 -0.25 16.07
C VAL B 91 -9.23 -0.81 16.16
N PHE B 92 -9.09 -1.94 16.84
CA PHE B 92 -7.82 -2.57 17.07
C PHE B 92 -7.76 -3.85 16.27
N PRO B 93 -7.16 -3.83 15.06
CA PRO B 93 -7.04 -5.07 14.28
C PRO B 93 -5.94 -5.97 14.84
N LEU B 94 -6.20 -7.25 15.00
CA LEU B 94 -5.18 -8.18 15.47
C LEU B 94 -5.09 -9.36 14.52
N LEU B 95 -5.19 -9.09 13.22
CA LEU B 95 -5.14 -10.15 12.20
C LEU B 95 -3.82 -10.11 11.43
N ASN B 99 -2.46 -12.25 5.37
CA ASN B 99 -3.83 -12.23 4.87
C ASN B 99 -4.56 -10.94 5.28
N GLY B 100 -4.55 -10.67 6.59
CA GLY B 100 -4.93 -9.35 7.10
C GLY B 100 -3.68 -8.52 7.39
N GLU B 101 -2.57 -8.85 6.73
CA GLU B 101 -1.30 -8.14 6.89
C GLU B 101 -0.75 -7.56 5.57
N ASP B 102 -1.60 -7.51 4.54
CA ASP B 102 -1.23 -6.87 3.26
C ASP B 102 -1.86 -5.48 3.07
N GLY B 103 -2.56 -4.97 4.08
CA GLY B 103 -3.15 -3.64 4.01
C GLY B 103 -4.60 -3.57 3.59
N THR B 104 -5.24 -4.73 3.44
CA THR B 104 -6.59 -4.81 2.91
C THR B 104 -7.62 -4.45 3.97
N ILE B 105 -7.50 -5.01 5.17
CA ILE B 105 -8.47 -4.68 6.22
C ILE B 105 -8.41 -3.16 6.50
N GLN B 106 -7.21 -2.57 6.44
CA GLN B 106 -7.01 -1.14 6.66
C GLN B 106 -7.82 -0.30 5.65
N GLY B 107 -7.80 -0.73 4.39
CA GLY B 107 -8.55 -0.07 3.35
C GLY B 107 -10.04 -0.10 3.62
N LEU B 108 -10.51 -1.22 4.16
CA LEU B 108 -11.89 -1.36 4.61
C LEU B 108 -12.19 -0.38 5.73
N PHE B 109 -11.32 -0.27 6.72
CA PHE B 109 -11.50 0.74 7.77
C PHE B 109 -11.52 2.14 7.18
N GLU B 110 -10.60 2.39 6.26
CA GLU B 110 -10.51 3.70 5.60
C GLU B 110 -11.81 4.10 4.92
N VAL B 111 -12.39 3.19 4.15
CA VAL B 111 -13.64 3.44 3.41
C VAL B 111 -14.81 3.64 4.35
N LEU B 112 -14.84 2.88 5.44
CA LEU B 112 -15.93 3.01 6.43
C LEU B 112 -15.64 4.12 7.43
N ASP B 113 -14.54 4.83 7.23
CA ASP B 113 -14.17 5.96 8.05
C ASP B 113 -14.01 5.62 9.55
N VAL B 114 -13.52 4.43 9.84
CA VAL B 114 -13.32 4.01 11.21
C VAL B 114 -11.85 4.25 11.57
N PRO B 115 -11.57 4.97 12.67
CA PRO B 115 -10.18 5.12 13.12
C PRO B 115 -9.60 3.79 13.53
N TYR B 116 -8.34 3.52 13.23
CA TYR B 116 -7.79 2.20 13.52
C TYR B 116 -6.35 2.23 13.97
N VAL B 117 -6.02 1.26 14.81
CA VAL B 117 -4.69 1.13 15.41
C VAL B 117 -3.69 0.58 14.41
N GLY B 118 -2.47 1.13 14.45
CA GLY B 118 -1.36 0.58 13.69
C GLY B 118 -1.18 1.15 12.31
N ASN B 119 -0.56 0.37 11.45
CA ASN B 119 -0.11 0.89 10.20
C ASN B 119 -1.22 1.00 9.18
N GLY B 120 -1.11 2.00 8.31
CA GLY B 120 -2.08 2.23 7.23
C GLY B 120 -1.85 1.33 6.03
N VAL B 121 -2.53 1.65 4.93
CA VAL B 121 -2.50 0.77 3.76
C VAL B 121 -1.10 0.66 3.18
N LEU B 122 -0.51 1.78 2.78
CA LEU B 122 0.80 1.73 2.12
C LEU B 122 1.93 1.14 3.00
N SER B 123 2.03 1.59 4.25
CA SER B 123 3.09 1.08 5.12
C SER B 123 2.83 -0.37 5.51
N ALA B 124 1.57 -0.80 5.58
CA ALA B 124 1.27 -2.21 5.80
C ALA B 124 1.74 -3.01 4.58
N ALA B 125 1.39 -2.54 3.39
CA ALA B 125 1.70 -3.27 2.17
C ALA B 125 3.18 -3.24 1.87
N SER B 126 3.84 -2.13 2.18
CA SER B 126 5.26 -1.96 1.84
C SER B 126 6.21 -2.55 2.88
N SER B 127 5.67 -3.10 3.97
CA SER B 127 6.46 -3.93 4.88
C SER B 127 6.30 -5.40 4.58
N MET B 128 5.18 -5.81 3.99
CA MET B 128 5.02 -7.21 3.65
C MET B 128 5.73 -7.54 2.33
N ASP B 129 6.00 -6.55 1.49
CA ASP B 129 6.72 -6.77 0.25
C ASP B 129 8.21 -6.50 0.49
N LYS B 130 8.98 -7.58 0.67
CA LYS B 130 10.38 -7.45 1.04
C LYS B 130 11.24 -6.74 -0.01
N LEU B 131 10.92 -6.89 -1.29
CA LEU B 131 11.64 -6.16 -2.34
C LEU B 131 11.52 -4.66 -2.16
N VAL B 132 10.30 -4.16 -1.96
CA VAL B 132 10.09 -2.71 -1.75
C VAL B 132 10.79 -2.22 -0.47
N MET B 133 10.55 -2.92 0.63
CA MET B 133 11.21 -2.70 1.90
C MET B 133 12.76 -2.59 1.82
N LYS B 134 13.41 -3.61 1.26
CA LYS B 134 14.86 -3.58 1.14
C LYS B 134 15.35 -2.45 0.21
N GLN B 135 14.54 -2.05 -0.77
CA GLN B 135 14.88 -0.87 -1.60
C GLN B 135 14.77 0.46 -0.81
N LEU B 136 13.71 0.61 -0.01
CA LEU B 136 13.63 1.75 0.91
C LEU B 136 14.79 1.78 1.91
N PHE B 137 15.22 0.61 2.41
CA PHE B 137 16.32 0.56 3.37
C PHE B 137 17.60 1.09 2.74
N GLU B 138 17.87 0.66 1.51
CA GLU B 138 19.03 1.13 0.74
C GLU B 138 18.93 2.62 0.45
N HIS B 139 17.73 3.12 0.20
CA HIS B 139 17.56 4.53 -0.03
C HIS B 139 17.90 5.35 1.24
N ARG B 140 17.68 4.74 2.39
CA ARG B 140 17.97 5.40 3.67
C ARG B 140 19.44 5.26 4.02
N GLY B 141 20.13 4.35 3.35
CA GLY B 141 21.53 4.07 3.62
C GLY B 141 21.73 3.15 4.80
N LEU B 142 20.74 2.32 5.10
CA LEU B 142 20.83 1.40 6.21
C LEU B 142 21.54 0.15 5.72
N PRO B 143 22.52 -0.35 6.50
CA PRO B 143 23.35 -1.43 5.98
C PRO B 143 22.55 -2.72 5.91
N GLN B 144 22.76 -3.47 4.85
CA GLN B 144 22.07 -4.74 4.64
C GLN B 144 23.08 -5.77 4.18
N LEU B 145 22.77 -7.04 4.39
CA LEU B 145 23.63 -8.12 3.91
C LEU B 145 23.51 -8.14 2.40
N PRO B 146 24.57 -8.56 1.69
CA PRO B 146 24.46 -8.65 0.24
C PRO B 146 23.22 -9.43 -0.19
N TYR B 147 22.51 -8.91 -1.17
CA TYR B 147 21.28 -9.55 -1.63
C TYR B 147 20.95 -9.14 -3.06
N ILE B 148 19.96 -9.82 -3.63
CA ILE B 148 19.33 -9.38 -4.87
C ILE B 148 17.88 -9.72 -4.78
N SER B 149 17.06 -8.90 -5.42
CA SER B 149 15.62 -9.16 -5.50
C SER B 149 15.19 -9.02 -6.95
N PHE B 150 14.24 -9.84 -7.38
CA PHE B 150 13.85 -9.84 -8.79
C PHE B 150 12.46 -10.49 -8.95
N LEU B 151 11.84 -10.27 -10.09
CA LEU B 151 10.51 -10.80 -10.33
C LEU B 151 10.59 -12.14 -11.06
N ARG B 152 9.58 -12.96 -10.82
CA ARG B 152 9.42 -14.23 -11.50
C ARG B 152 9.50 -14.05 -13.03
N SER B 153 8.80 -13.04 -13.56
CA SER B 153 8.76 -12.84 -15.00
C SER B 153 10.15 -12.53 -15.54
N GLU B 154 11.02 -11.92 -14.73
CA GLU B 154 12.42 -11.73 -15.16
C GLU B 154 13.21 -13.05 -15.15
N TYR B 155 13.04 -13.87 -14.12
CA TYR B 155 13.78 -15.12 -14.00
C TYR B 155 13.34 -16.12 -15.06
N GLU B 156 12.05 -16.11 -15.38
CA GLU B 156 11.51 -17.04 -16.38
C GLU B 156 12.10 -16.75 -17.77
N LYS B 157 12.42 -15.49 -18.06
CA LYS B 157 12.91 -15.09 -19.38
C LYS B 157 14.39 -14.71 -19.47
N TYR B 158 15.03 -14.45 -18.34
CA TYR B 158 16.44 -14.02 -18.32
C TYR B 158 17.14 -14.63 -17.13
N GLU B 159 16.92 -15.93 -16.95
CA GLU B 159 17.55 -16.72 -15.89
C GLU B 159 19.04 -16.42 -15.75
N HIS B 160 19.76 -16.57 -16.85
CA HIS B 160 21.21 -16.39 -16.86
C HIS B 160 21.62 -15.05 -16.24
N ASN B 161 20.87 -13.99 -16.53
CA ASN B 161 21.16 -12.68 -15.95
C ASN B 161 20.95 -12.63 -14.42
N ILE B 162 19.97 -13.36 -13.87
CA ILE B 162 19.85 -13.45 -12.41
C ILE B 162 20.94 -14.33 -11.78
N LEU B 163 21.20 -15.48 -12.39
CA LEU B 163 22.25 -16.39 -11.92
C LEU B 163 23.65 -15.77 -11.96
N LYS B 164 23.90 -14.91 -12.93
CA LYS B 164 25.17 -14.20 -13.01
C LYS B 164 25.33 -13.26 -11.80
N LEU B 165 24.26 -12.53 -11.46
CA LEU B 165 24.30 -11.61 -10.31
C LEU B 165 24.62 -12.35 -9.01
N VAL B 166 23.95 -13.48 -8.82
CA VAL B 166 24.20 -14.34 -7.65
C VAL B 166 25.67 -14.73 -7.59
N ASN B 167 26.22 -15.17 -8.73
CA ASN B 167 27.62 -15.58 -8.79
C ASN B 167 28.56 -14.44 -8.44
N ASP B 168 28.26 -13.26 -9.00
CA ASP B 168 29.11 -12.08 -8.79
C ASP B 168 28.97 -11.49 -7.39
N LYS B 169 27.78 -11.56 -6.81
CA LYS B 169 27.44 -10.77 -5.62
C LYS B 169 27.39 -11.56 -4.33
N LEU B 170 27.01 -12.85 -4.40
CA LEU B 170 26.69 -13.65 -3.22
C LEU B 170 27.64 -14.82 -3.06
N ASN B 171 27.79 -15.27 -1.83
CA ASN B 171 28.56 -16.49 -1.51
C ASN B 171 27.67 -17.46 -0.81
N TYR B 172 27.84 -18.75 -1.09
CA TYR B 172 27.05 -19.79 -0.44
C TYR B 172 27.49 -19.96 1.02
N PRO B 173 26.57 -20.23 1.94
CA PRO B 173 25.15 -20.46 1.74
C PRO B 173 24.33 -19.17 1.50
N VAL B 174 23.21 -19.32 0.79
CA VAL B 174 22.29 -18.21 0.56
C VAL B 174 20.91 -18.60 1.04
N PHE B 175 20.07 -17.60 1.25
CA PHE B 175 18.69 -17.85 1.61
C PHE B 175 17.77 -17.28 0.54
N VAL B 176 16.92 -18.15 -0.01
CA VAL B 176 15.88 -17.79 -0.97
C VAL B 176 14.65 -17.43 -0.16
N LYS B 177 14.10 -16.24 -0.39
CA LYS B 177 13.05 -15.70 0.47
C LYS B 177 11.88 -15.17 -0.35
N PRO B 178 10.72 -15.85 -0.30
CA PRO B 178 9.55 -15.23 -0.89
C PRO B 178 9.37 -13.81 -0.38
N ALA B 179 9.21 -12.86 -1.30
CA ALA B 179 9.15 -11.44 -0.94
C ALA B 179 7.85 -11.06 -0.22
N ASN B 180 6.79 -11.85 -0.43
CA ASN B 180 5.50 -11.62 0.20
C ASN B 180 5.20 -12.64 1.29
N LEU B 181 5.22 -13.92 0.91
CA LEU B 181 4.82 -15.05 1.79
C LEU B 181 5.78 -15.34 2.94
N VAL B 185 6.45 -22.13 4.87
CA VAL B 185 6.73 -20.71 4.62
C VAL B 185 7.56 -20.47 3.33
N GLY B 186 8.26 -21.49 2.86
CA GLY B 186 9.00 -21.41 1.60
C GLY B 186 10.43 -20.84 1.67
N ILE B 187 10.89 -20.43 2.85
CA ILE B 187 12.26 -19.94 3.01
C ILE B 187 13.26 -21.12 3.10
N SER B 188 14.27 -21.11 2.24
CA SER B 188 15.21 -22.24 2.09
C SER B 188 16.68 -21.81 2.12
N LYS B 189 17.50 -22.61 2.81
CA LYS B 189 18.95 -22.44 2.81
C LYS B 189 19.53 -23.24 1.65
N CYS B 190 20.37 -22.58 0.86
CA CYS B 190 20.91 -23.22 -0.34
C CYS B 190 22.43 -23.18 -0.29
N ASN B 191 23.08 -24.32 -0.54
CA ASN B 191 24.55 -24.44 -0.40
C ASN B 191 25.29 -24.43 -1.72
N ASN B 192 24.55 -24.56 -2.81
CA ASN B 192 25.12 -24.49 -4.14
C ASN B 192 24.06 -24.06 -5.11
N GLU B 193 24.47 -23.84 -6.36
CA GLU B 193 23.58 -23.38 -7.40
C GLU B 193 22.43 -24.33 -7.70
N ALA B 194 22.71 -25.64 -7.70
CA ALA B 194 21.65 -26.63 -7.95
C ALA B 194 20.50 -26.48 -6.96
N GLU B 195 20.84 -26.33 -5.70
CA GLU B 195 19.87 -26.07 -4.63
C GLU B 195 19.26 -24.70 -4.80
N LEU B 196 20.07 -23.72 -5.20
CA LEU B 196 19.58 -22.39 -5.49
C LEU B 196 18.45 -22.43 -6.51
N LYS B 197 18.69 -23.10 -7.63
CA LYS B 197 17.72 -23.16 -8.71
C LYS B 197 16.46 -23.88 -8.26
N GLU B 198 16.59 -24.87 -7.39
CA GLU B 198 15.42 -25.60 -6.92
C GLU B 198 14.68 -24.75 -5.92
N GLY B 199 15.41 -23.99 -5.11
CA GLY B 199 14.81 -23.08 -4.18
C GLY B 199 14.05 -21.97 -4.87
N ILE B 200 14.59 -21.47 -5.98
CA ILE B 200 13.92 -20.42 -6.74
C ILE B 200 12.67 -20.99 -7.41
N LYS B 201 12.83 -22.16 -8.06
CA LYS B 201 11.71 -22.85 -8.72
C LYS B 201 10.53 -23.04 -7.77
N GLU B 202 10.79 -23.63 -6.61
CA GLU B 202 9.77 -23.78 -5.57
C GLU B 202 9.14 -22.45 -5.11
N ALA B 203 9.94 -21.49 -4.69
CA ALA B 203 9.37 -20.22 -4.23
C ALA B 203 8.47 -19.58 -5.30
N PHE B 204 8.88 -19.66 -6.57
CA PHE B 204 8.14 -19.02 -7.66
C PHE B 204 6.86 -19.74 -8.09
N GLN B 205 6.55 -20.88 -7.49
CA GLN B 205 5.27 -21.53 -7.81
C GLN B 205 4.12 -20.74 -7.22
N PHE B 206 4.36 -20.13 -6.06
CA PHE B 206 3.32 -19.43 -5.30
C PHE B 206 3.46 -17.91 -5.21
N ASP B 207 4.70 -17.40 -5.24
CA ASP B 207 4.96 -15.95 -5.18
C ASP B 207 5.56 -15.53 -6.50
N ARG B 208 5.33 -14.28 -6.89
CA ARG B 208 5.87 -13.78 -8.16
C ARG B 208 7.00 -12.81 -7.93
N LYS B 209 7.58 -12.82 -6.73
CA LYS B 209 8.63 -11.87 -6.39
C LYS B 209 9.53 -12.52 -5.34
N LEU B 210 10.86 -12.32 -5.46
CA LEU B 210 11.85 -13.04 -4.65
C LEU B 210 13.04 -12.20 -4.22
N VAL B 211 13.56 -12.55 -3.05
CA VAL B 211 14.81 -12.01 -2.55
C VAL B 211 15.77 -13.17 -2.26
N ILE B 212 17.01 -13.03 -2.72
CA ILE B 212 18.09 -13.95 -2.37
C ILE B 212 19.11 -13.17 -1.52
N GLU B 213 19.38 -13.65 -0.31
CA GLU B 213 20.23 -12.95 0.66
C GLU B 213 21.41 -13.84 1.04
N GLN B 214 22.60 -13.25 1.18
CA GLN B 214 23.76 -14.00 1.63
C GLN B 214 23.62 -14.43 3.09
N GLY B 215 23.89 -15.72 3.33
CA GLY B 215 23.80 -16.28 4.67
C GLY B 215 24.79 -15.60 5.59
N VAL B 216 24.39 -15.39 6.85
CA VAL B 216 25.28 -14.85 7.89
C VAL B 216 25.11 -15.62 9.19
N ASN B 217 26.15 -15.60 10.03
CA ASN B 217 26.09 -16.08 11.41
C ASN B 217 26.15 -14.89 12.34
N ALA B 218 25.04 -14.62 13.00
CA ALA B 218 24.86 -13.41 13.74
C ALA B 218 23.72 -13.57 14.73
N ARG B 219 23.66 -12.69 15.72
CA ARG B 219 22.54 -12.68 16.64
C ARG B 219 21.39 -11.91 16.01
N GLU B 220 20.16 -12.27 16.38
CA GLU B 220 18.95 -11.63 15.89
C GLU B 220 18.57 -10.64 16.95
N ILE B 221 18.65 -9.35 16.63
CA ILE B 221 18.33 -8.27 17.55
C ILE B 221 17.11 -7.50 17.06
N GLU B 222 16.24 -7.11 18.00
CA GLU B 222 15.02 -6.38 17.64
C GLU B 222 14.83 -5.16 18.49
N VAL B 223 14.27 -4.12 17.86
CA VAL B 223 13.97 -2.86 18.51
C VAL B 223 12.50 -2.53 18.25
N ALA B 224 11.77 -2.11 19.28
CA ALA B 224 10.38 -1.74 19.15
C ALA B 224 10.26 -0.24 19.04
N VAL B 225 9.45 0.24 18.10
CA VAL B 225 9.21 1.67 17.97
C VAL B 225 7.71 2.02 18.01
N LEU B 226 7.41 3.15 18.65
CA LEU B 226 6.06 3.58 18.95
C LEU B 226 5.86 5.04 18.60
N GLY B 227 4.80 5.34 17.87
CA GLY B 227 4.45 6.71 17.56
C GLY B 227 3.90 6.88 16.16
N ASN B 228 3.57 8.12 15.84
CA ASN B 228 3.21 8.57 14.50
C ASN B 228 4.31 9.49 13.95
N ASP B 229 4.21 10.78 14.24
CA ASP B 229 5.18 11.75 13.72
C ASP B 229 6.41 11.88 14.56
N TYR B 230 6.34 11.50 15.84
CA TYR B 230 7.48 11.60 16.75
C TYR B 230 7.71 10.27 17.40
N PRO B 231 8.18 9.31 16.61
CA PRO B 231 8.37 7.97 17.13
C PRO B 231 9.48 7.90 18.15
N GLU B 232 9.38 6.96 19.08
CA GLU B 232 10.43 6.67 20.06
C GLU B 232 10.76 5.19 19.99
N ALA B 233 12.00 4.87 20.35
CA ALA B 233 12.52 3.51 20.19
C ALA B 233 12.96 2.95 21.54
N THR B 234 12.84 1.63 21.73
CA THR B 234 13.25 0.98 22.97
C THR B 234 14.70 0.52 22.90
N TRP B 235 15.29 0.17 24.05
CA TRP B 235 16.56 -0.55 24.00
C TRP B 235 16.29 -1.87 23.30
N PRO B 236 17.28 -2.40 22.57
CA PRO B 236 17.08 -3.60 21.79
C PRO B 236 16.93 -4.86 22.66
N GLY B 237 16.23 -5.86 22.17
CA GLY B 237 16.19 -7.18 22.80
C GLY B 237 16.77 -8.21 21.88
N GLU B 238 16.97 -9.44 22.37
CA GLU B 238 17.52 -10.53 21.53
C GLU B 238 16.66 -11.80 21.47
N VAL B 239 16.54 -12.38 20.28
CA VAL B 239 15.92 -13.68 20.08
C VAL B 239 17.01 -14.75 19.99
N VAL B 240 16.98 -15.71 20.91
CA VAL B 240 17.93 -16.84 20.98
C VAL B 240 17.18 -18.17 20.78
N LYS B 241 17.88 -19.16 20.23
CA LYS B 241 17.30 -20.50 20.09
C LYS B 241 17.29 -21.18 21.45
N ASP B 242 18.25 -20.83 22.31
CA ASP B 242 18.23 -21.27 23.71
C ASP B 242 19.01 -20.28 24.59
N VAL B 243 18.46 -19.91 25.74
CA VAL B 243 19.09 -18.91 26.61
C VAL B 243 20.38 -19.42 27.25
N ALA B 244 20.51 -20.72 27.42
CA ALA B 244 21.67 -21.28 28.11
C ALA B 244 22.87 -21.52 27.19
N PHE B 245 22.67 -21.54 25.88
CA PHE B 245 23.77 -21.76 24.93
C PHE B 245 23.50 -21.26 23.51
N GLN B 258 13.29 -18.26 22.45
CA GLN B 258 13.30 -17.55 23.72
C GLN B 258 13.80 -16.10 23.58
N LEU B 259 13.29 -15.23 24.44
CA LEU B 259 13.61 -13.81 24.40
C LEU B 259 14.63 -13.47 25.50
N LYS B 260 15.51 -12.52 25.23
CA LYS B 260 16.30 -11.89 26.30
C LYS B 260 16.30 -10.38 26.14
N ILE B 261 15.84 -9.69 27.19
CA ILE B 261 15.57 -8.26 27.20
C ILE B 261 16.05 -7.63 28.50
N PRO B 262 16.97 -6.65 28.43
CA PRO B 262 17.65 -6.13 27.25
C PRO B 262 18.63 -7.12 26.64
N ALA B 263 19.15 -6.78 25.48
CA ALA B 263 20.19 -7.58 24.84
C ALA B 263 21.58 -7.21 25.38
N ASP B 264 22.42 -8.22 25.58
CA ASP B 264 23.82 -8.02 26.00
C ASP B 264 24.65 -7.47 24.84
N LEU B 265 24.60 -6.15 24.68
CA LEU B 265 25.34 -5.44 23.64
C LEU B 265 26.02 -4.24 24.26
N ASP B 266 27.15 -3.82 23.69
CA ASP B 266 27.76 -2.53 24.05
C ASP B 266 26.77 -1.38 23.89
N GLU B 267 26.85 -0.42 24.81
CA GLU B 267 26.12 0.86 24.75
C GLU B 267 25.97 1.45 23.34
N ASP B 268 27.10 1.69 22.68
CA ASP B 268 27.12 2.37 21.37
C ASP B 268 26.42 1.55 20.26
N VAL B 269 26.39 0.23 20.42
CA VAL B 269 25.72 -0.62 19.47
C VAL B 269 24.21 -0.49 19.67
N GLN B 270 23.79 -0.51 20.91
CA GLN B 270 22.38 -0.31 21.24
C GLN B 270 21.88 1.05 20.70
N LEU B 271 22.68 2.09 20.89
CA LEU B 271 22.28 3.42 20.45
C LEU B 271 22.15 3.48 18.94
N THR B 272 23.10 2.85 18.24
CA THR B 272 23.07 2.78 16.80
C THR B 272 21.83 2.03 16.32
N LEU B 273 21.55 0.92 16.98
CA LEU B 273 20.36 0.12 16.67
C LEU B 273 19.04 0.89 16.89
N ARG B 274 18.96 1.65 17.98
CA ARG B 274 17.80 2.47 18.23
C ARG B 274 17.56 3.49 17.12
N ASN B 275 18.63 4.15 16.69
CA ASN B 275 18.54 5.19 15.69
C ASN B 275 18.22 4.64 14.29
N MET B 276 18.77 3.46 13.98
CA MET B 276 18.44 2.79 12.73
C MET B 276 16.99 2.35 12.69
N ALA B 277 16.44 1.95 13.83
CA ALA B 277 15.03 1.61 13.95
C ALA B 277 14.16 2.81 13.66
N LEU B 278 14.48 3.95 14.28
CA LEU B 278 13.71 5.18 14.07
C LEU B 278 13.75 5.59 12.61
N GLU B 279 14.94 5.46 12.01
CA GLU B 279 15.14 5.80 10.62
C GLU B 279 14.29 4.91 9.69
N ALA B 280 14.37 3.60 9.93
CA ALA B 280 13.58 2.60 9.20
C ALA B 280 12.05 2.85 9.31
N PHE B 281 11.60 3.23 10.50
CA PHE B 281 10.22 3.64 10.75
C PHE B 281 9.82 4.87 9.89
N LYS B 282 10.72 5.84 9.76
CA LYS B 282 10.44 7.06 9.00
C LYS B 282 10.48 6.85 7.49
N GLU B 283 11.42 6.04 7.02
CA GLU B 283 11.60 5.79 5.59
C GLU B 283 10.45 4.99 5.00
N THR B 284 10.06 3.93 5.71
CA THR B 284 8.88 3.12 5.34
C THR B 284 7.57 3.84 5.71
N ASP B 285 7.67 4.88 6.53
CA ASP B 285 6.53 5.78 6.76
C ASP B 285 5.42 5.13 7.55
N CYS B 286 5.82 4.47 8.64
CA CYS B 286 4.90 3.75 9.50
C CYS B 286 4.03 4.67 10.32
N SER B 287 2.96 4.09 10.88
CA SER B 287 2.02 4.73 11.78
C SER B 287 1.80 3.75 12.95
N GLY B 288 1.76 4.30 14.17
CA GLY B 288 1.51 3.52 15.35
C GLY B 288 2.75 2.82 15.85
N LEU B 289 3.20 1.82 15.10
CA LEU B 289 4.27 0.95 15.54
C LEU B 289 5.06 0.29 14.41
N VAL B 290 6.24 -0.22 14.77
CA VAL B 290 7.02 -1.14 13.93
C VAL B 290 7.99 -1.85 14.85
N ARG B 291 8.31 -3.10 14.52
CA ARG B 291 9.47 -3.76 15.10
C ARG B 291 10.51 -3.87 13.98
N ALA B 292 11.71 -3.40 14.27
CA ALA B 292 12.84 -3.51 13.36
C ALA B 292 13.70 -4.68 13.84
N ASP B 293 13.94 -5.64 12.95
CA ASP B 293 14.80 -6.78 13.25
C ASP B 293 16.14 -6.59 12.53
N PHE B 294 17.24 -6.82 13.25
CA PHE B 294 18.60 -6.66 12.71
C PHE B 294 19.40 -7.96 12.88
N PHE B 295 20.48 -8.11 12.11
CA PHE B 295 21.51 -9.09 12.39
C PHE B 295 22.71 -8.34 12.96
N VAL B 296 23.34 -8.90 13.98
CA VAL B 296 24.54 -8.32 14.61
C VAL B 296 25.60 -9.43 14.78
N THR B 297 26.73 -9.28 14.11
CA THR B 297 27.79 -10.31 14.16
C THR B 297 28.60 -10.17 15.45
N GLU B 298 29.44 -11.18 15.73
CA GLU B 298 30.25 -11.18 16.98
C GLU B 298 31.19 -9.98 17.07
N ASP B 299 31.69 -9.50 15.93
CA ASP B 299 32.48 -8.27 15.88
C ASP B 299 31.60 -7.07 15.56
N ASN B 300 30.35 -7.13 16.01
CA ASN B 300 29.48 -5.98 16.08
C ASN B 300 29.26 -5.21 14.75
N GLN B 301 29.32 -5.91 13.62
CA GLN B 301 28.75 -5.38 12.39
C GLN B 301 27.21 -5.51 12.42
N ILE B 302 26.53 -4.41 12.07
CA ILE B 302 25.06 -4.36 12.06
C ILE B 302 24.46 -4.42 10.65
N TYR B 303 23.37 -5.16 10.49
CA TYR B 303 22.63 -5.19 9.25
C TYR B 303 21.14 -5.18 9.59
N ILE B 304 20.35 -4.35 8.91
CA ILE B 304 18.90 -4.41 9.09
C ILE B 304 18.39 -5.59 8.27
N ASN B 305 17.51 -6.38 8.87
CA ASN B 305 16.95 -7.55 8.24
C ASN B 305 15.57 -7.23 7.72
N GLU B 306 14.69 -6.73 8.58
CA GLU B 306 13.38 -6.28 8.14
C GLU B 306 12.59 -5.52 9.19
N THR B 307 11.55 -4.85 8.70
CA THR B 307 10.58 -4.25 9.57
C THR B 307 9.36 -5.16 9.60
N ASN B 308 8.66 -5.12 10.72
CA ASN B 308 7.43 -5.84 10.89
C ASN B 308 6.40 -4.80 11.34
N ALA B 309 5.49 -4.45 10.43
CA ALA B 309 4.46 -3.46 10.71
C ALA B 309 3.33 -4.00 11.58
N MET B 310 3.31 -5.32 11.79
CA MET B 310 2.28 -5.96 12.62
C MET B 310 2.92 -7.00 13.55
N PRO B 311 3.83 -6.56 14.42
CA PRO B 311 4.53 -7.56 15.22
C PRO B 311 3.65 -8.31 16.23
N GLY B 312 4.14 -9.49 16.64
CA GLY B 312 3.53 -10.24 17.73
C GLY B 312 3.25 -9.34 18.92
N PHE B 313 2.04 -9.48 19.47
CA PHE B 313 1.51 -8.54 20.43
C PHE B 313 0.79 -9.21 21.61
N THR B 314 1.10 -10.50 21.86
CA THR B 314 0.65 -11.19 23.06
C THR B 314 1.34 -10.56 24.26
N ALA B 315 0.89 -10.91 25.46
CA ALA B 315 1.43 -10.37 26.70
C ALA B 315 2.92 -10.63 26.88
N PHE B 316 3.46 -11.65 26.17
CA PHE B 316 4.85 -12.04 26.31
C PHE B 316 5.62 -11.91 25.00
N SER B 317 5.03 -11.28 23.99
CA SER B 317 5.72 -11.05 22.72
C SER B 317 6.83 -10.01 22.86
N MET B 318 7.79 -10.04 21.94
CA MET B 318 8.91 -9.14 21.99
C MET B 318 8.47 -7.67 21.98
N TYR B 319 7.59 -7.28 21.07
CA TYR B 319 7.19 -5.87 20.99
C TYR B 319 6.72 -5.26 22.34
N PRO B 320 5.73 -5.87 23.01
CA PRO B 320 5.33 -5.28 24.31
C PRO B 320 6.35 -5.40 25.45
N LYS B 321 7.15 -6.47 25.46
CA LYS B 321 8.11 -6.67 26.52
C LYS B 321 9.25 -5.67 26.40
N LEU B 322 9.68 -5.40 25.18
CA LEU B 322 10.63 -4.31 24.97
C LEU B 322 10.14 -3.00 25.58
N TRP B 323 8.84 -2.72 25.46
CA TRP B 323 8.29 -1.50 26.06
C TRP B 323 8.12 -1.65 27.57
N GLU B 324 7.92 -2.87 28.04
CA GLU B 324 7.88 -3.12 29.49
C GLU B 324 9.24 -2.74 30.10
N ASN B 325 10.32 -3.15 29.44
CA ASN B 325 11.67 -2.77 29.84
C ASN B 325 11.94 -1.26 29.82
N MET B 326 11.14 -0.46 29.12
CA MET B 326 11.29 1.00 29.19
C MET B 326 10.40 1.64 30.25
N GLY B 327 9.63 0.85 30.99
CA GLY B 327 8.68 1.37 31.99
C GLY B 327 7.28 1.60 31.43
N LEU B 328 7.03 1.13 30.21
CA LEU B 328 5.71 1.24 29.60
C LEU B 328 4.98 -0.10 29.68
N SER B 329 3.94 -0.11 30.49
CA SER B 329 3.22 -1.33 30.78
C SER B 329 2.32 -1.69 29.61
N TYR B 330 1.79 -2.91 29.65
CA TYR B 330 0.98 -3.44 28.58
C TYR B 330 -0.36 -2.68 28.50
N PRO B 331 -1.00 -2.43 29.65
CA PRO B 331 -2.17 -1.56 29.57
C PRO B 331 -1.88 -0.19 28.97
N GLU B 332 -0.77 0.44 29.36
CA GLU B 332 -0.46 1.80 28.91
C GLU B 332 -0.08 1.88 27.43
N LEU B 333 0.62 0.86 26.96
CA LEU B 333 0.92 0.68 25.55
C LEU B 333 -0.35 0.58 24.71
N ILE B 334 -1.22 -0.34 25.08
CA ILE B 334 -2.55 -0.43 24.48
C ILE B 334 -3.25 0.95 24.44
N THR B 335 -3.29 1.66 25.56
CA THR B 335 -3.86 3.01 25.58
C THR B 335 -3.11 3.95 24.64
N LYS B 336 -1.78 3.87 24.62
CA LYS B 336 -1.02 4.75 23.75
C LYS B 336 -1.30 4.52 22.28
N LEU B 337 -1.40 3.26 21.87
CA LEU B 337 -1.72 2.90 20.50
C LEU B 337 -3.11 3.41 20.12
N ILE B 338 -4.07 3.28 21.03
CA ILE B 338 -5.40 3.89 20.81
C ILE B 338 -5.36 5.40 20.58
N GLU B 339 -4.66 6.12 21.44
CA GLU B 339 -4.52 7.57 21.26
C GLU B 339 -3.85 7.90 19.92
N LEU B 340 -2.82 7.16 19.56
CA LEU B 340 -2.13 7.38 18.28
C LEU B 340 -3.09 7.11 17.09
N ALA B 341 -3.99 6.13 17.21
CA ALA B 341 -4.98 5.90 16.17
C ALA B 341 -5.95 7.08 16.00
N LYS B 342 -6.38 7.67 17.10
CA LYS B 342 -7.34 8.80 17.06
C LYS B 342 -6.68 9.99 16.43
N GLU B 343 -5.45 10.25 16.88
CA GLU B 343 -4.61 11.31 16.34
C GLU B 343 -4.43 11.22 14.82
N ARG B 344 -4.09 10.02 14.34
CA ARG B 344 -3.92 9.83 12.89
C ARG B 344 -5.22 10.07 12.12
N HIS B 345 -6.32 9.53 12.63
CA HIS B 345 -7.62 9.82 12.04
C HIS B 345 -7.91 11.32 11.95
N GLN B 346 -7.74 12.04 13.05
CA GLN B 346 -7.98 13.48 13.07
C GLN B 346 -7.10 14.18 12.04
N ASP B 347 -5.81 13.83 12.04
CA ASP B 347 -4.84 14.40 11.07
C ASP B 347 -5.30 14.23 9.62
N LYS B 348 -5.80 13.06 9.29
CA LYS B 348 -6.31 12.78 7.94
C LYS B 348 -7.53 13.65 7.61
N GLN B 349 -8.41 13.86 8.58
CA GLN B 349 -9.60 14.70 8.38
C GLN B 349 -9.22 16.16 8.09
N LYS B 350 -8.28 16.69 8.87
CA LYS B 350 -7.79 18.04 8.66
C LYS B 350 -7.28 18.25 7.25
N ASN B 351 -6.35 17.40 6.84
CA ASN B 351 -5.77 17.53 5.51
C ASN B 351 -6.81 17.39 4.40
N LYS B 352 -7.84 16.57 4.63
CA LYS B 352 -8.92 16.43 3.66
C LYS B 352 -9.68 17.73 3.53
N TYR B 353 -10.00 18.37 4.65
CA TYR B 353 -10.65 19.68 4.63
C TYR B 353 -9.79 20.69 3.87
N LYS B 354 -8.51 20.78 4.24
CA LYS B 354 -7.57 21.71 3.59
C LYS B 354 -7.46 21.52 2.08
N ILE B 355 -7.44 20.26 1.63
CA ILE B 355 -7.43 19.94 0.20
C ILE B 355 -8.73 20.33 -0.51
N ASP B 356 -9.86 19.92 0.05
CA ASP B 356 -11.17 20.30 -0.47
C ASP B 356 -11.36 21.82 -0.59
N LEU B 357 -10.77 22.56 0.33
CA LEU B 357 -10.89 24.02 0.33
C LEU B 357 -10.08 24.57 -0.85
N GLU B 358 -8.80 24.22 -0.91
CA GLU B 358 -7.88 24.78 -1.89
C GLU B 358 -7.93 23.97 -3.19
#